data_8FHR
#
_entry.id   8FHR
#
_cell.length_a   1.00
_cell.length_b   1.00
_cell.length_c   1.00
_cell.angle_alpha   90.00
_cell.angle_beta   90.00
_cell.angle_gamma   90.00
#
_symmetry.space_group_name_H-M   'P 1'
#
loop_
_entity.id
_entity.type
_entity.pdbx_description
1 polymer 'Solute carrier family 12 member 2,Solute carrier family 12 member 3 chimera'
2 non-polymer Polythiazide
3 non-polymer 'SODIUM ION'
#
_entity_poly.entity_id   1
_entity_poly.type   'polypeptide(L)'
_entity_poly.pdbx_seq_one_letter_code
;MSASPPISAGDYLSAPEPDALKPAGPTPSQSRFQVDLVTESAGDGETTVGFDSSPPEYVAEPPPDGLRDSVSGGEKAKGR
FRVVNFAASSPDAAPAETAQNGDTVMSEGSLHSSTGGQQHHHYDTHTNTYYLRTFGHNTIDAVPKIDFYRQTAAPLGEKL
IRPTLSELHDELDKEPFEDGFANGEELTPAEESAAKDVSESKEPVRFGWVKGVMIRCMLNIWGVILYLRLPWITAQAGIV
LTWIIILLSVTVTSITGLSISAISTNGKVKSGGTYFLISRSLGPELGGSIGLIFAFANAVGVAMHTVGFAATVRDLLQEY
GAPIVDPINDIRIIGVVSVTVLLAISLAGMEWESKAQVLFFLVIMVSFANYLVGTLIPPSEDKASKGFFSYRADIFVQNL
VPDWRGPDGTFFGMFSIFFPSATGILAGANISGDLKDPAIAIPKGTLMAIFWTTISYLAISATIGSCVVRDASGVLNDTV
TPGWGACEGLACSYGWNFTECTQQHSCHYGLINYYQTMSMVSGFAPLITAGIFGATLSSALACLVSAAKVFQCLCEDQLY
PLIGFFGKGYGKNKEPVRGYLLAYAIAVAFIIIAELNTIAPIISNFFLCSYALINFSCFHASITNSPGWRPSFQYYNKWA
ALFGAIISVVIMFLLTWWAALIAIGVVLFLLLYVIYKKPEVNWGSSVQAGSYNLALSYSVGLNEVEDHIKNYRPQCLVLT
GPPNFRPALVDFVGTFTRNLSLMICGHVLIGPHKQRMPELQLIANGHTKWLNKRKIKAFYSDVIAEDLRRGVQILMQAAG
LGRMKPNILVVGFKKNWQSAHPATVEDYIGILHDAFDFNYGVCVMRMREGLNVSKMMQAHINPVFDPAEDGKEASARVDP
KALVKEEQATTIFQSEQGKKTIDIYWLFDDGGLTLLIPYLLGRKRRWSKCKIRVFVGGQINRMDQERKAIISLLSKFRLG
FHEVHILPDINQNPRAEHTKRFEDMIAPFRLNDGFKDEATVNEMRRDCPWKISDEEITKNRVKSLRQVRLNEIVLDYSRD
AALIVITLPIGRKGKCPSSLYMAWLETLSQDLRPPVILIRGNQENVLTFYCQ
;
_entity_poly.pdbx_strand_id   A,B
#
loop_
_chem_comp.id
_chem_comp.type
_chem_comp.name
_chem_comp.formula
NA non-polymer 'SODIUM ION' 'Na 1'
XZF non-polymer Polythiazide 'C11 H13 Cl F3 N3 O4 S3'
#
# COMPACT_ATOMS: atom_id res chain seq x y z
N LYS A 202 -37.12 -25.32 -31.20
CA LYS A 202 -35.73 -25.75 -31.28
C LYS A 202 -35.03 -25.60 -29.93
N GLU A 203 -34.39 -26.67 -29.49
CA GLU A 203 -33.65 -26.62 -28.24
C GLU A 203 -32.41 -25.74 -28.39
N PRO A 204 -31.90 -25.19 -27.29
CA PRO A 204 -30.62 -24.48 -27.36
C PRO A 204 -29.46 -25.44 -27.55
N VAL A 205 -28.23 -24.92 -27.64
CA VAL A 205 -27.04 -25.74 -27.77
C VAL A 205 -26.38 -25.84 -26.39
N ARG A 206 -26.02 -27.05 -26.00
CA ARG A 206 -25.40 -27.33 -24.72
C ARG A 206 -24.09 -28.07 -24.96
N PHE A 207 -23.15 -27.90 -24.03
CA PHE A 207 -21.79 -28.38 -24.22
C PHE A 207 -21.41 -29.34 -23.10
N GLY A 208 -20.46 -30.22 -23.40
CA GLY A 208 -19.95 -31.15 -22.43
C GLY A 208 -18.89 -30.51 -21.56
N TRP A 209 -18.31 -31.33 -20.69
CA TRP A 209 -17.32 -30.84 -19.75
C TRP A 209 -15.93 -30.72 -20.34
N VAL A 210 -15.68 -31.29 -21.52
CA VAL A 210 -14.38 -31.18 -22.15
C VAL A 210 -14.38 -29.95 -23.04
N LYS A 211 -15.32 -29.88 -23.98
CA LYS A 211 -15.38 -28.75 -24.89
C LYS A 211 -16.02 -27.51 -24.27
N GLY A 212 -16.56 -27.61 -23.07
CA GLY A 212 -17.27 -26.49 -22.50
C GLY A 212 -16.54 -25.82 -21.36
N VAL A 213 -15.81 -26.60 -20.56
CA VAL A 213 -15.15 -26.09 -19.38
C VAL A 213 -13.63 -26.27 -19.46
N MET A 214 -13.17 -27.46 -19.79
CA MET A 214 -11.74 -27.73 -19.71
C MET A 214 -10.96 -27.00 -20.79
N ILE A 215 -11.41 -27.09 -22.05
CA ILE A 215 -10.68 -26.46 -23.14
C ILE A 215 -10.66 -24.95 -22.96
N ARG A 216 -11.79 -24.36 -22.58
CA ARG A 216 -11.85 -22.90 -22.41
C ARG A 216 -10.95 -22.43 -21.30
N CYS A 217 -10.93 -23.14 -20.18
CA CYS A 217 -10.08 -22.73 -19.07
C CYS A 217 -8.61 -22.86 -19.42
N MET A 218 -8.20 -23.95 -20.08
CA MET A 218 -6.79 -24.08 -20.42
C MET A 218 -6.40 -23.07 -21.49
N LEU A 219 -7.30 -22.75 -22.41
CA LEU A 219 -6.97 -21.76 -23.43
C LEU A 219 -6.89 -20.36 -22.85
N ASN A 220 -7.67 -19.96 -21.87
CA ASN A 220 -7.54 -18.66 -21.19
C ASN A 220 -6.42 -18.59 -20.23
N ILE A 221 -6.04 -19.66 -19.56
CA ILE A 221 -4.84 -19.57 -18.73
C ILE A 221 -3.60 -19.43 -19.57
N TRP A 222 -3.51 -20.19 -20.67
CA TRP A 222 -2.35 -20.14 -21.54
C TRP A 222 -2.31 -18.83 -22.33
N GLY A 223 -1.18 -18.13 -22.26
CA GLY A 223 -1.01 -16.86 -22.91
C GLY A 223 0.31 -16.81 -23.66
N VAL A 224 1.00 -15.68 -23.52
CA VAL A 224 2.32 -15.52 -24.14
C VAL A 224 3.46 -15.56 -23.14
N ILE A 225 3.20 -15.55 -21.84
CA ILE A 225 4.27 -15.81 -20.89
C ILE A 225 4.82 -17.20 -21.11
N LEU A 226 3.99 -18.11 -21.63
CA LEU A 226 4.44 -19.45 -21.95
C LEU A 226 5.53 -19.44 -23.01
N TYR A 227 5.51 -18.47 -23.91
CA TYR A 227 6.36 -18.47 -25.10
C TYR A 227 7.49 -17.46 -25.04
N LEU A 228 7.30 -16.34 -24.35
CA LEU A 228 8.21 -15.22 -24.44
C LEU A 228 8.84 -14.79 -23.13
N ARG A 229 8.34 -15.24 -21.99
CA ARG A 229 8.93 -14.86 -20.72
C ARG A 229 9.30 -16.03 -19.82
N LEU A 230 8.60 -17.15 -19.88
CA LEU A 230 8.95 -18.25 -18.99
C LEU A 230 10.37 -18.77 -19.18
N PRO A 231 10.91 -18.90 -20.40
CA PRO A 231 12.33 -19.27 -20.51
C PRO A 231 13.29 -18.26 -19.92
N TRP A 232 12.90 -17.00 -19.80
CA TRP A 232 13.72 -15.96 -19.20
C TRP A 232 13.62 -15.96 -17.67
N ILE A 233 12.42 -16.19 -17.14
CA ILE A 233 12.25 -16.42 -15.72
C ILE A 233 13.02 -17.65 -15.26
N THR A 234 13.02 -18.71 -16.07
CA THR A 234 13.78 -19.91 -15.74
C THR A 234 15.28 -19.65 -15.71
N ALA A 235 15.75 -18.60 -16.36
CA ALA A 235 17.17 -18.28 -16.39
C ALA A 235 17.57 -17.36 -15.25
N GLN A 236 16.77 -16.35 -14.97
CA GLN A 236 17.07 -15.44 -13.86
C GLN A 236 17.03 -16.18 -12.53
N ALA A 237 16.02 -17.02 -12.31
CA ALA A 237 15.75 -17.60 -11.00
C ALA A 237 16.12 -19.07 -10.90
N GLY A 238 16.63 -19.68 -11.96
CA GLY A 238 16.95 -21.08 -11.91
C GLY A 238 15.71 -21.93 -11.93
N ILE A 239 15.92 -23.24 -11.97
CA ILE A 239 14.81 -24.17 -12.16
C ILE A 239 14.00 -24.33 -10.87
N VAL A 240 14.67 -24.56 -9.75
CA VAL A 240 13.98 -24.88 -8.49
C VAL A 240 13.17 -23.69 -8.00
N LEU A 241 13.75 -22.51 -8.03
CA LEU A 241 13.06 -21.34 -7.53
C LEU A 241 11.93 -20.91 -8.47
N THR A 242 12.06 -21.20 -9.77
CA THR A 242 10.95 -21.04 -10.69
C THR A 242 9.82 -22.01 -10.39
N TRP A 243 10.14 -23.26 -10.06
CA TRP A 243 9.11 -24.19 -9.66
C TRP A 243 8.39 -23.70 -8.41
N ILE A 244 9.12 -23.11 -7.47
CA ILE A 244 8.49 -22.52 -6.29
C ILE A 244 7.56 -21.37 -6.70
N ILE A 245 7.99 -20.53 -7.65
CA ILE A 245 7.14 -19.47 -8.16
C ILE A 245 5.83 -20.04 -8.69
N ILE A 246 5.92 -21.06 -9.53
CA ILE A 246 4.75 -21.64 -10.16
C ILE A 246 3.82 -22.25 -9.14
N LEU A 247 4.37 -23.05 -8.22
CA LEU A 247 3.54 -23.73 -7.23
C LEU A 247 2.98 -22.80 -6.18
N LEU A 248 3.59 -21.64 -5.95
CA LEU A 248 2.98 -20.63 -5.10
C LEU A 248 1.87 -19.89 -5.83
N SER A 249 2.02 -19.67 -7.13
CA SER A 249 0.97 -18.99 -7.88
C SER A 249 -0.25 -19.87 -8.08
N VAL A 250 -0.08 -21.19 -8.19
CA VAL A 250 -1.21 -22.05 -8.48
C VAL A 250 -1.85 -22.59 -7.20
N THR A 251 -1.53 -21.96 -6.06
CA THR A 251 -2.24 -22.22 -4.83
C THR A 251 -3.38 -21.23 -4.61
N VAL A 252 -3.14 -19.96 -4.90
CA VAL A 252 -4.18 -18.94 -4.85
C VAL A 252 -5.29 -19.25 -5.84
N THR A 253 -4.96 -19.87 -6.97
CA THR A 253 -5.95 -20.24 -7.96
C THR A 253 -6.58 -21.59 -7.69
N SER A 254 -5.88 -22.53 -7.05
CA SER A 254 -6.53 -23.77 -6.63
C SER A 254 -7.57 -23.52 -5.55
N ILE A 255 -7.28 -22.67 -4.58
CA ILE A 255 -8.24 -22.38 -3.53
C ILE A 255 -9.48 -21.69 -4.10
N THR A 256 -9.28 -20.76 -5.03
CA THR A 256 -10.42 -20.12 -5.67
C THR A 256 -11.17 -21.09 -6.56
N GLY A 257 -10.48 -22.05 -7.17
CA GLY A 257 -11.16 -23.07 -7.93
C GLY A 257 -12.02 -23.96 -7.06
N LEU A 258 -11.58 -24.22 -5.84
CA LEU A 258 -12.41 -24.99 -4.91
C LEU A 258 -13.64 -24.18 -4.46
N SER A 259 -13.47 -22.88 -4.24
CA SER A 259 -14.63 -22.05 -3.93
C SER A 259 -15.62 -22.01 -5.09
N ILE A 260 -15.13 -21.88 -6.32
CA ILE A 260 -16.00 -21.90 -7.49
C ILE A 260 -16.71 -23.24 -7.63
N SER A 261 -15.97 -24.33 -7.42
CA SER A 261 -16.58 -25.65 -7.52
C SER A 261 -17.61 -25.88 -6.43
N ALA A 262 -17.47 -25.21 -5.30
CA ALA A 262 -18.51 -25.29 -4.26
C ALA A 262 -19.73 -24.48 -4.64
N ILE A 263 -19.53 -23.28 -5.20
CA ILE A 263 -20.66 -22.47 -5.65
C ILE A 263 -21.45 -23.20 -6.72
N SER A 264 -20.76 -23.94 -7.61
CA SER A 264 -21.44 -24.57 -8.73
C SER A 264 -22.31 -25.74 -8.32
N THR A 265 -21.95 -26.44 -7.24
CA THR A 265 -22.70 -27.58 -6.75
C THR A 265 -23.69 -27.20 -5.67
N ASN A 266 -24.24 -25.99 -5.75
CA ASN A 266 -25.21 -25.49 -4.80
C ASN A 266 -26.56 -25.23 -5.45
N GLY A 267 -26.65 -25.28 -6.76
CA GLY A 267 -27.89 -25.02 -7.45
C GLY A 267 -27.60 -24.56 -8.86
N LYS A 268 -28.66 -24.26 -9.60
CA LYS A 268 -28.57 -23.85 -10.99
C LYS A 268 -28.49 -22.34 -11.06
N VAL A 269 -27.42 -21.84 -11.67
CA VAL A 269 -27.22 -20.41 -11.90
C VAL A 269 -27.26 -20.17 -13.40
N LYS A 270 -27.53 -18.94 -13.79
CA LYS A 270 -27.51 -18.61 -15.20
C LYS A 270 -26.09 -18.22 -15.63
N SER A 271 -25.92 -17.97 -16.92
CA SER A 271 -24.62 -17.61 -17.45
C SER A 271 -24.28 -16.18 -17.05
N GLY A 272 -23.17 -16.00 -16.36
CA GLY A 272 -22.76 -14.70 -15.89
C GLY A 272 -23.18 -14.37 -14.48
N GLY A 273 -23.82 -15.29 -13.77
CA GLY A 273 -24.21 -15.04 -12.40
C GLY A 273 -23.13 -15.42 -11.42
N THR A 274 -21.88 -15.11 -11.77
CA THR A 274 -20.77 -15.42 -10.88
C THR A 274 -20.87 -14.63 -9.58
N TYR A 275 -21.41 -13.42 -9.65
CA TYR A 275 -21.50 -12.51 -8.53
C TYR A 275 -22.78 -12.66 -7.72
N PHE A 276 -23.62 -13.64 -8.03
CA PHE A 276 -24.84 -13.83 -7.26
C PHE A 276 -24.57 -14.22 -5.82
N LEU A 277 -23.56 -15.04 -5.57
CA LEU A 277 -23.25 -15.36 -4.17
C LEU A 277 -22.75 -14.14 -3.42
N ILE A 278 -21.92 -13.31 -4.07
CA ILE A 278 -21.49 -12.07 -3.43
C ILE A 278 -22.68 -11.18 -3.14
N SER A 279 -23.71 -11.22 -4.00
CA SER A 279 -24.86 -10.37 -3.80
C SER A 279 -25.75 -10.88 -2.68
N ARG A 280 -25.96 -12.20 -2.59
CA ARG A 280 -26.87 -12.72 -1.58
C ARG A 280 -26.19 -13.01 -0.25
N SER A 281 -24.89 -12.79 -0.15
CA SER A 281 -24.17 -12.98 1.10
C SER A 281 -23.69 -11.69 1.74
N LEU A 282 -23.36 -10.67 0.94
CA LEU A 282 -22.91 -9.38 1.46
C LEU A 282 -23.77 -8.22 0.96
N GLY A 283 -24.97 -8.49 0.47
CA GLY A 283 -25.84 -7.43 0.02
C GLY A 283 -25.75 -7.19 -1.47
N PRO A 284 -26.81 -6.67 -2.08
CA PRO A 284 -26.85 -6.50 -3.54
C PRO A 284 -26.11 -5.27 -4.05
N GLU A 285 -25.40 -4.52 -3.22
CA GLU A 285 -24.63 -3.38 -3.71
C GLU A 285 -23.15 -3.68 -3.86
N LEU A 286 -22.63 -4.72 -3.19
CA LEU A 286 -21.39 -5.34 -3.65
C LEU A 286 -21.62 -6.38 -4.73
N GLY A 287 -22.81 -6.93 -4.84
CA GLY A 287 -23.07 -7.84 -5.92
C GLY A 287 -22.90 -7.13 -7.24
N GLY A 288 -23.71 -6.12 -7.48
CA GLY A 288 -23.65 -5.42 -8.74
C GLY A 288 -22.36 -4.67 -8.97
N SER A 289 -21.75 -4.13 -7.92
CA SER A 289 -20.51 -3.36 -8.09
C SER A 289 -19.36 -4.26 -8.52
N ILE A 290 -19.21 -5.40 -7.85
CA ILE A 290 -18.19 -6.36 -8.25
C ILE A 290 -18.52 -6.96 -9.60
N GLY A 291 -19.81 -7.17 -9.90
CA GLY A 291 -20.17 -7.66 -11.22
C GLY A 291 -19.78 -6.71 -12.32
N LEU A 292 -20.03 -5.42 -12.13
CA LEU A 292 -19.67 -4.40 -13.11
C LEU A 292 -18.16 -4.26 -13.26
N ILE A 293 -17.43 -4.27 -12.15
CA ILE A 293 -15.97 -4.22 -12.22
C ILE A 293 -15.41 -5.45 -12.94
N PHE A 294 -15.94 -6.64 -12.67
CA PHE A 294 -15.52 -7.86 -13.36
C PHE A 294 -15.77 -7.77 -14.85
N ALA A 295 -16.96 -7.35 -15.24
CA ALA A 295 -17.31 -7.31 -16.65
C ALA A 295 -16.67 -6.15 -17.40
N PHE A 296 -16.15 -5.14 -16.70
CA PHE A 296 -15.34 -4.12 -17.33
C PHE A 296 -13.88 -4.53 -17.47
N ALA A 297 -13.34 -5.24 -16.47
CA ALA A 297 -11.99 -5.75 -16.59
C ALA A 297 -11.89 -6.78 -17.70
N ASN A 298 -12.92 -7.59 -17.90
CA ASN A 298 -12.92 -8.52 -19.02
C ASN A 298 -12.87 -7.80 -20.36
N ALA A 299 -13.69 -6.76 -20.52
CA ALA A 299 -13.73 -6.03 -21.77
C ALA A 299 -12.47 -5.22 -22.02
N VAL A 300 -11.71 -4.87 -20.98
CA VAL A 300 -10.40 -4.30 -21.20
C VAL A 300 -9.34 -5.35 -21.48
N GLY A 301 -9.47 -6.55 -20.91
CA GLY A 301 -8.56 -7.63 -21.26
C GLY A 301 -8.68 -8.04 -22.71
N VAL A 302 -9.88 -7.91 -23.29
CA VAL A 302 -10.02 -8.14 -24.72
C VAL A 302 -9.09 -7.23 -25.51
N ALA A 303 -9.06 -5.95 -25.16
CA ALA A 303 -8.18 -5.00 -25.83
C ALA A 303 -6.72 -5.31 -25.56
N MET A 304 -6.39 -5.68 -24.33
CA MET A 304 -4.99 -5.95 -23.99
C MET A 304 -4.46 -7.21 -24.62
N HIS A 305 -5.33 -8.11 -25.08
CA HIS A 305 -4.89 -9.27 -25.85
C HIS A 305 -4.92 -9.03 -27.35
N THR A 306 -5.89 -8.26 -27.84
CA THR A 306 -5.88 -7.92 -29.25
C THR A 306 -4.68 -7.06 -29.61
N VAL A 307 -4.25 -6.19 -28.69
CA VAL A 307 -3.01 -5.44 -28.91
C VAL A 307 -1.81 -6.36 -28.96
N GLY A 308 -1.78 -7.40 -28.12
CA GLY A 308 -0.69 -8.35 -28.16
C GLY A 308 -0.64 -9.16 -29.43
N PHE A 309 -1.80 -9.49 -29.99
CA PHE A 309 -1.84 -10.14 -31.30
C PHE A 309 -1.40 -9.20 -32.40
N ALA A 310 -1.88 -7.95 -32.36
CA ALA A 310 -1.55 -6.98 -33.39
C ALA A 310 -0.07 -6.66 -33.41
N ALA A 311 0.56 -6.61 -32.24
CA ALA A 311 2.01 -6.36 -32.21
C ALA A 311 2.78 -7.49 -32.88
N THR A 312 2.39 -8.74 -32.60
CA THR A 312 3.05 -9.86 -33.25
C THR A 312 2.88 -9.82 -34.75
N VAL A 313 1.68 -9.50 -35.21
CA VAL A 313 1.44 -9.42 -36.66
C VAL A 313 2.26 -8.29 -37.28
N ARG A 314 2.32 -7.13 -36.61
CA ARG A 314 3.09 -6.02 -37.14
C ARG A 314 4.57 -6.35 -37.22
N ASP A 315 5.11 -6.99 -36.18
CA ASP A 315 6.53 -7.37 -36.21
C ASP A 315 6.80 -8.40 -37.31
N LEU A 316 5.90 -9.37 -37.47
CA LEU A 316 6.06 -10.35 -38.54
C LEU A 316 5.96 -9.69 -39.91
N LEU A 317 5.14 -8.66 -40.03
CA LEU A 317 4.94 -7.99 -41.30
C LEU A 317 6.13 -7.12 -41.68
N GLN A 318 6.64 -6.34 -40.74
CA GLN A 318 7.69 -5.36 -41.04
C GLN A 318 9.00 -6.01 -41.44
N GLU A 319 9.20 -7.29 -41.10
CA GLU A 319 10.41 -8.00 -41.51
C GLU A 319 10.33 -8.47 -42.95
N TYR A 320 9.13 -8.84 -43.41
CA TYR A 320 8.97 -9.41 -44.74
C TYR A 320 8.97 -8.36 -45.84
N GLY A 321 8.76 -7.10 -45.48
CA GLY A 321 8.70 -6.04 -46.46
C GLY A 321 7.46 -5.23 -46.19
N ALA A 322 6.49 -5.29 -47.10
CA ALA A 322 5.24 -4.54 -46.93
C ALA A 322 5.45 -3.24 -46.18
N PRO A 323 6.13 -2.26 -46.80
CA PRO A 323 6.23 -0.98 -46.08
C PRO A 323 4.92 -0.61 -45.42
N ILE A 324 4.90 -0.56 -44.10
CA ILE A 324 3.67 -0.28 -43.39
C ILE A 324 3.29 1.20 -43.45
N VAL A 325 2.13 1.53 -42.89
CA VAL A 325 1.68 2.91 -42.90
C VAL A 325 2.35 3.72 -41.78
N ASP A 326 1.97 3.43 -40.53
CA ASP A 326 2.57 4.12 -39.41
C ASP A 326 3.05 3.09 -38.42
N PRO A 327 4.28 3.25 -37.92
CA PRO A 327 4.79 2.17 -37.06
C PRO A 327 3.97 1.92 -35.80
N ILE A 328 3.05 2.81 -35.44
CA ILE A 328 2.14 2.56 -34.33
C ILE A 328 0.68 2.61 -34.74
N ASN A 329 0.36 3.02 -35.97
CA ASN A 329 -1.01 2.86 -36.43
C ASN A 329 -1.25 1.48 -37.02
N ASP A 330 -0.19 0.71 -37.23
CA ASP A 330 -0.37 -0.71 -37.54
C ASP A 330 -1.08 -1.41 -36.40
N ILE A 331 -0.60 -1.20 -35.17
CA ILE A 331 -1.16 -1.85 -34.00
C ILE A 331 -2.56 -1.36 -33.70
N ARG A 332 -3.02 -0.32 -34.39
CA ARG A 332 -4.40 0.16 -34.28
C ARG A 332 -5.31 -0.38 -35.37
N ILE A 333 -4.90 -0.27 -36.63
CA ILE A 333 -5.70 -0.82 -37.72
C ILE A 333 -5.88 -2.32 -37.56
N ILE A 334 -4.78 -3.04 -37.34
CA ILE A 334 -4.85 -4.49 -37.18
C ILE A 334 -5.69 -4.86 -35.97
N GLY A 335 -5.50 -4.14 -34.86
CA GLY A 335 -6.28 -4.42 -33.67
C GLY A 335 -7.78 -4.26 -33.89
N VAL A 336 -8.17 -3.16 -34.53
CA VAL A 336 -9.60 -2.93 -34.77
C VAL A 336 -10.18 -3.99 -35.71
N VAL A 337 -9.48 -4.32 -36.79
CA VAL A 337 -9.99 -5.34 -37.71
C VAL A 337 -10.11 -6.68 -37.01
N SER A 338 -9.10 -7.06 -36.21
CA SER A 338 -9.12 -8.34 -35.53
C SER A 338 -10.26 -8.42 -34.51
N VAL A 339 -10.46 -7.36 -33.73
CA VAL A 339 -11.52 -7.42 -32.73
C VAL A 339 -12.88 -7.46 -33.42
N THR A 340 -13.00 -6.84 -34.60
CA THR A 340 -14.27 -6.93 -35.33
C THR A 340 -14.52 -8.35 -35.85
N VAL A 341 -13.46 -9.03 -36.32
CA VAL A 341 -13.63 -10.41 -36.77
C VAL A 341 -14.02 -11.31 -35.60
N LEU A 342 -13.37 -11.12 -34.46
CA LEU A 342 -13.76 -11.89 -33.27
C LEU A 342 -15.20 -11.61 -32.87
N LEU A 343 -15.62 -10.35 -32.98
CA LEU A 343 -17.01 -10.01 -32.67
C LEU A 343 -17.98 -10.73 -33.60
N ALA A 344 -17.65 -10.78 -34.90
CA ALA A 344 -18.52 -11.49 -35.85
C ALA A 344 -18.63 -12.97 -35.48
N ILE A 345 -17.49 -13.60 -35.20
CA ILE A 345 -17.50 -15.02 -34.83
C ILE A 345 -18.38 -15.24 -33.60
N SER A 346 -18.21 -14.40 -32.57
CA SER A 346 -19.00 -14.55 -31.35
C SER A 346 -20.48 -14.32 -31.61
N LEU A 347 -20.81 -13.35 -32.44
CA LEU A 347 -22.19 -12.96 -32.68
C LEU A 347 -22.89 -13.90 -33.65
N ALA A 348 -22.18 -14.83 -34.28
CA ALA A 348 -22.78 -15.81 -35.16
C ALA A 348 -23.23 -17.09 -34.43
N GLY A 349 -23.10 -17.14 -33.11
CA GLY A 349 -23.56 -18.26 -32.32
C GLY A 349 -22.46 -18.85 -31.47
N MET A 350 -22.87 -19.76 -30.58
CA MET A 350 -21.94 -20.48 -29.72
C MET A 350 -21.20 -21.62 -30.42
N GLU A 351 -21.82 -22.30 -31.37
CA GLU A 351 -21.16 -23.42 -32.04
C GLU A 351 -19.92 -22.96 -32.78
N TRP A 352 -19.99 -21.80 -33.44
CA TRP A 352 -18.85 -21.31 -34.19
C TRP A 352 -17.72 -20.87 -33.26
N GLU A 353 -18.06 -20.25 -32.14
CA GLU A 353 -17.07 -19.90 -31.14
C GLU A 353 -16.39 -21.15 -30.58
N SER A 354 -17.17 -22.20 -30.34
CA SER A 354 -16.60 -23.46 -29.85
C SER A 354 -15.65 -24.09 -30.86
N LYS A 355 -16.02 -24.07 -32.15
CA LYS A 355 -15.14 -24.62 -33.17
C LYS A 355 -13.86 -23.80 -33.29
N ALA A 356 -13.96 -22.48 -33.19
CA ALA A 356 -12.75 -21.65 -33.22
C ALA A 356 -11.84 -21.99 -32.05
N GLN A 357 -12.41 -22.19 -30.86
CA GLN A 357 -11.59 -22.53 -29.70
C GLN A 357 -10.91 -23.89 -29.87
N VAL A 358 -11.62 -24.87 -30.44
CA VAL A 358 -10.98 -26.16 -30.68
C VAL A 358 -9.84 -26.04 -31.69
N LEU A 359 -10.03 -25.21 -32.72
CA LEU A 359 -8.95 -24.96 -33.66
C LEU A 359 -7.73 -24.37 -32.96
N PHE A 360 -7.96 -23.40 -32.08
CA PHE A 360 -6.85 -22.80 -31.34
C PHE A 360 -6.15 -23.84 -30.47
N PHE A 361 -6.92 -24.75 -29.86
CA PHE A 361 -6.32 -25.79 -29.03
C PHE A 361 -5.40 -26.70 -29.84
N LEU A 362 -5.85 -27.16 -31.01
CA LEU A 362 -4.97 -27.97 -31.83
C LEU A 362 -3.73 -27.22 -32.29
N VAL A 363 -3.87 -25.92 -32.60
CA VAL A 363 -2.69 -25.15 -33.00
C VAL A 363 -1.68 -25.09 -31.87
N ILE A 364 -2.14 -24.85 -30.64
CA ILE A 364 -1.22 -24.81 -29.50
C ILE A 364 -0.53 -26.15 -29.29
N MET A 365 -1.28 -27.25 -29.38
CA MET A 365 -0.66 -28.56 -29.20
C MET A 365 0.36 -28.88 -30.29
N VAL A 366 0.08 -28.43 -31.52
CA VAL A 366 1.06 -28.65 -32.58
C VAL A 366 2.33 -27.86 -32.30
N SER A 367 2.20 -26.65 -31.75
CA SER A 367 3.38 -25.89 -31.34
C SER A 367 4.16 -26.62 -30.25
N PHE A 368 3.46 -27.19 -29.27
CA PHE A 368 4.13 -27.93 -28.19
C PHE A 368 4.91 -29.12 -28.74
N ALA A 369 4.29 -29.91 -29.61
CA ALA A 369 4.98 -31.05 -30.18
C ALA A 369 6.15 -30.61 -31.04
N ASN A 370 6.00 -29.49 -31.75
CA ASN A 370 7.11 -28.93 -32.52
C ASN A 370 8.31 -28.64 -31.63
N TYR A 371 8.08 -27.93 -30.54
CA TYR A 371 9.17 -27.59 -29.63
C TYR A 371 9.81 -28.83 -29.04
N LEU A 372 8.99 -29.78 -28.60
CA LEU A 372 9.51 -30.97 -27.94
C LEU A 372 10.29 -31.87 -28.89
N VAL A 373 9.90 -31.94 -30.16
CA VAL A 373 10.71 -32.61 -31.15
C VAL A 373 11.99 -31.85 -31.44
N GLY A 374 11.94 -30.52 -31.48
CA GLY A 374 13.14 -29.74 -31.73
C GLY A 374 14.20 -29.92 -30.67
N THR A 375 13.80 -30.09 -29.42
CA THR A 375 14.81 -30.23 -28.36
C THR A 375 15.52 -31.58 -28.38
N LEU A 376 15.04 -32.56 -29.12
CA LEU A 376 15.64 -33.90 -29.13
C LEU A 376 16.52 -34.13 -30.35
N ILE A 377 16.77 -33.10 -31.14
CA ILE A 377 17.53 -33.21 -32.38
C ILE A 377 18.92 -32.63 -32.12
N PRO A 378 19.99 -33.34 -32.46
CA PRO A 378 21.34 -32.85 -32.14
C PRO A 378 21.59 -31.48 -32.74
N PRO A 379 22.30 -30.60 -32.03
CA PRO A 379 22.43 -29.22 -32.50
C PRO A 379 23.17 -29.13 -33.82
N SER A 380 22.77 -28.16 -34.62
CA SER A 380 23.52 -27.74 -35.78
C SER A 380 24.42 -26.57 -35.42
N GLU A 381 25.20 -26.12 -36.39
CA GLU A 381 26.13 -25.03 -36.13
C GLU A 381 25.41 -23.77 -35.68
N ASP A 382 24.29 -23.45 -36.35
CA ASP A 382 23.60 -22.21 -36.06
C ASP A 382 23.01 -22.20 -34.65
N LYS A 383 22.40 -23.32 -34.25
CA LYS A 383 21.76 -23.36 -32.94
C LYS A 383 22.79 -23.49 -31.82
N ALA A 384 23.85 -24.25 -32.05
CA ALA A 384 24.91 -24.36 -31.05
C ALA A 384 25.65 -23.04 -30.89
N SER A 385 25.70 -22.24 -31.95
CA SER A 385 26.37 -20.94 -31.89
C SER A 385 25.55 -19.94 -31.09
N LYS A 386 24.27 -20.23 -30.88
CA LYS A 386 23.39 -19.35 -30.13
C LYS A 386 23.08 -19.87 -28.74
N GLY A 387 23.57 -21.06 -28.38
CA GLY A 387 23.44 -21.57 -27.03
C GLY A 387 22.79 -22.93 -26.92
N PHE A 388 22.00 -23.34 -27.90
CA PHE A 388 21.23 -24.58 -27.77
C PHE A 388 22.17 -25.76 -27.93
N PHE A 389 22.35 -26.51 -26.86
CA PHE A 389 22.93 -27.83 -26.89
C PHE A 389 21.84 -28.80 -26.46
N SER A 390 21.96 -30.05 -26.88
CA SER A 390 20.86 -30.98 -26.62
C SER A 390 20.83 -31.26 -25.11
N TYR A 391 20.00 -32.22 -24.69
CA TYR A 391 19.92 -32.53 -23.27
C TYR A 391 21.29 -32.92 -22.71
N ARG A 392 21.87 -32.05 -21.88
CA ARG A 392 23.15 -32.30 -21.26
C ARG A 392 23.00 -32.27 -19.75
N ALA A 393 23.81 -33.08 -19.07
CA ALA A 393 23.77 -33.14 -17.61
C ALA A 393 24.49 -31.97 -16.96
N ASP A 394 25.55 -31.46 -17.57
CA ASP A 394 26.25 -30.32 -16.97
C ASP A 394 25.35 -29.09 -16.90
N ILE A 395 24.54 -28.86 -17.94
CA ILE A 395 23.70 -27.68 -18.01
C ILE A 395 22.58 -27.74 -16.99
N PHE A 396 22.03 -28.92 -16.72
CA PHE A 396 20.99 -29.03 -15.72
C PHE A 396 21.50 -28.59 -14.36
N VAL A 397 22.69 -29.05 -13.98
CA VAL A 397 23.25 -28.74 -12.66
C VAL A 397 23.65 -27.27 -12.58
N GLN A 398 24.31 -26.76 -13.61
CA GLN A 398 24.80 -25.38 -13.60
C GLN A 398 23.67 -24.36 -13.53
N ASN A 399 22.44 -24.78 -13.82
CA ASN A 399 21.37 -23.84 -14.08
C ASN A 399 20.21 -24.06 -13.11
N LEU A 400 20.45 -24.72 -11.97
CA LEU A 400 19.43 -24.93 -10.95
C LEU A 400 19.33 -23.76 -9.98
N VAL A 401 20.38 -22.96 -9.85
CA VAL A 401 20.47 -21.92 -8.83
C VAL A 401 20.33 -20.57 -9.49
N PRO A 402 19.89 -19.53 -8.77
CA PRO A 402 19.62 -18.24 -9.41
C PRO A 402 20.87 -17.58 -9.98
N ASP A 403 20.63 -16.65 -10.90
CA ASP A 403 21.64 -15.70 -11.37
C ASP A 403 20.91 -14.41 -11.74
N TRP A 404 20.75 -13.53 -10.77
CA TRP A 404 19.97 -12.32 -10.99
C TRP A 404 20.79 -11.27 -11.73
N ARG A 405 20.18 -10.65 -12.73
CA ARG A 405 20.82 -9.61 -13.51
C ARG A 405 19.81 -8.52 -13.78
N GLY A 406 20.32 -7.32 -14.04
CA GLY A 406 19.48 -6.23 -14.45
C GLY A 406 18.73 -5.58 -13.31
N PRO A 407 17.98 -4.51 -13.61
CA PRO A 407 17.28 -3.77 -12.56
C PRO A 407 15.98 -4.40 -12.13
N ASP A 408 15.51 -5.44 -12.80
CA ASP A 408 14.22 -6.03 -12.51
C ASP A 408 14.36 -7.48 -12.06
N GLY A 409 15.57 -8.01 -12.00
CA GLY A 409 15.80 -9.40 -11.70
C GLY A 409 15.80 -9.75 -10.22
N THR A 410 14.62 -9.85 -9.63
CA THR A 410 14.48 -10.27 -8.25
C THR A 410 13.22 -11.11 -8.10
N PHE A 411 13.19 -11.92 -7.02
CA PHE A 411 12.09 -12.86 -6.83
C PHE A 411 10.74 -12.16 -6.86
N PHE A 412 10.65 -10.97 -6.26
CA PHE A 412 9.41 -10.21 -6.35
C PHE A 412 9.09 -9.81 -7.78
N GLY A 413 10.12 -9.42 -8.54
CA GLY A 413 9.90 -9.06 -9.94
C GLY A 413 9.37 -10.22 -10.75
N MET A 414 9.92 -11.41 -10.52
CA MET A 414 9.48 -12.57 -11.30
C MET A 414 8.09 -13.02 -10.88
N PHE A 415 7.76 -12.91 -9.60
CA PHE A 415 6.39 -13.13 -9.17
C PHE A 415 5.45 -12.14 -9.84
N SER A 416 5.86 -10.88 -9.95
CA SER A 416 5.01 -9.87 -10.58
C SER A 416 4.80 -10.16 -12.06
N ILE A 417 5.82 -10.69 -12.73
CA ILE A 417 5.66 -11.04 -14.14
C ILE A 417 4.75 -12.25 -14.30
N PHE A 418 4.93 -13.28 -13.48
CA PHE A 418 4.26 -14.55 -13.75
C PHE A 418 2.85 -14.63 -13.17
N PHE A 419 2.61 -14.09 -11.97
CA PHE A 419 1.34 -14.37 -11.30
C PHE A 419 0.12 -13.94 -12.11
N PRO A 420 0.03 -12.72 -12.65
CA PRO A 420 -1.19 -12.34 -13.37
C PRO A 420 -1.48 -13.22 -14.56
N SER A 421 -0.50 -13.92 -15.11
CA SER A 421 -0.68 -14.79 -16.25
C SER A 421 -0.94 -16.24 -15.84
N ALA A 422 -1.40 -16.47 -14.62
CA ALA A 422 -1.87 -17.78 -14.20
C ALA A 422 -3.36 -17.80 -13.91
N THR A 423 -3.99 -16.64 -13.84
CA THR A 423 -5.42 -16.54 -13.62
C THR A 423 -6.15 -16.62 -14.96
N GLY A 424 -7.46 -16.82 -14.89
CA GLY A 424 -8.23 -17.09 -16.08
C GLY A 424 -9.03 -18.34 -15.89
N ILE A 425 -9.10 -18.79 -14.62
CA ILE A 425 -9.74 -20.04 -14.26
C ILE A 425 -11.25 -19.95 -14.24
N LEU A 426 -11.81 -18.78 -14.49
CA LEU A 426 -13.25 -18.57 -14.44
C LEU A 426 -13.90 -18.55 -15.80
N ALA A 427 -13.18 -18.97 -16.85
CA ALA A 427 -13.76 -18.91 -18.19
C ALA A 427 -14.81 -19.97 -18.43
N GLY A 428 -14.80 -21.05 -17.66
CA GLY A 428 -15.77 -22.11 -17.84
C GLY A 428 -16.95 -22.00 -16.89
N ALA A 429 -16.80 -21.23 -15.82
CA ALA A 429 -17.89 -20.96 -14.90
C ALA A 429 -18.75 -19.78 -15.32
N ASN A 430 -18.29 -19.00 -16.29
CA ASN A 430 -19.08 -17.86 -16.77
C ASN A 430 -20.20 -18.31 -17.70
N ILE A 431 -20.06 -19.49 -18.28
CA ILE A 431 -21.07 -20.00 -19.21
C ILE A 431 -21.74 -21.21 -18.59
N SER A 432 -21.87 -21.21 -17.26
CA SER A 432 -22.47 -22.32 -16.54
C SER A 432 -23.92 -22.57 -16.89
N GLY A 433 -24.53 -21.74 -17.73
CA GLY A 433 -25.87 -21.96 -18.20
C GLY A 433 -25.97 -22.60 -19.56
N ASP A 434 -24.85 -22.92 -20.19
CA ASP A 434 -24.82 -23.57 -21.49
C ASP A 434 -24.24 -24.97 -21.42
N LEU A 435 -24.07 -25.52 -20.24
CA LEU A 435 -23.48 -26.83 -20.06
C LEU A 435 -24.56 -27.87 -19.82
N LYS A 436 -24.18 -29.14 -20.00
CA LYS A 436 -25.17 -30.21 -19.86
C LYS A 436 -25.45 -30.54 -18.40
N ASP A 437 -24.48 -30.37 -17.51
CA ASP A 437 -24.72 -30.51 -16.08
C ASP A 437 -23.64 -29.78 -15.31
N PRO A 438 -23.82 -28.50 -14.99
CA PRO A 438 -22.72 -27.72 -14.40
C PRO A 438 -22.17 -28.29 -13.11
N ALA A 439 -23.00 -28.98 -12.31
CA ALA A 439 -22.56 -29.44 -11.00
C ALA A 439 -21.51 -30.53 -11.06
N ILE A 440 -21.27 -31.13 -12.22
CA ILE A 440 -20.26 -32.16 -12.37
C ILE A 440 -19.21 -31.65 -13.36
N ALA A 441 -19.65 -30.81 -14.29
CA ALA A 441 -18.77 -30.35 -15.35
C ALA A 441 -17.81 -29.28 -14.87
N ILE A 442 -18.23 -28.41 -13.97
CA ILE A 442 -17.40 -27.26 -13.60
C ILE A 442 -16.28 -27.66 -12.63
N PRO A 443 -16.54 -28.43 -11.56
CA PRO A 443 -15.42 -28.84 -10.71
C PRO A 443 -14.36 -29.65 -11.44
N LYS A 444 -14.76 -30.71 -12.13
CA LYS A 444 -13.81 -31.56 -12.83
C LYS A 444 -13.06 -30.80 -13.91
N GLY A 445 -13.77 -30.07 -14.76
CA GLY A 445 -13.13 -29.35 -15.83
C GLY A 445 -12.17 -28.28 -15.33
N THR A 446 -12.61 -27.48 -14.35
CA THR A 446 -11.76 -26.41 -13.85
C THR A 446 -10.51 -26.96 -13.16
N LEU A 447 -10.66 -28.01 -12.35
CA LEU A 447 -9.50 -28.51 -11.63
C LEU A 447 -8.53 -29.24 -12.54
N MET A 448 -9.02 -29.99 -13.54
CA MET A 448 -8.06 -30.60 -14.46
C MET A 448 -7.43 -29.58 -15.39
N ALA A 449 -8.12 -28.49 -15.71
CA ALA A 449 -7.48 -27.41 -16.44
C ALA A 449 -6.31 -26.84 -15.65
N ILE A 450 -6.53 -26.55 -14.37
CA ILE A 450 -5.43 -26.05 -13.54
C ILE A 450 -4.30 -27.06 -13.47
N PHE A 451 -4.63 -28.35 -13.30
CA PHE A 451 -3.60 -29.37 -13.16
C PHE A 451 -2.74 -29.49 -14.40
N TRP A 452 -3.36 -29.63 -15.58
CA TRP A 452 -2.57 -29.84 -16.79
C TRP A 452 -1.84 -28.58 -17.23
N THR A 453 -2.42 -27.41 -17.01
CA THR A 453 -1.68 -26.18 -17.28
C THR A 453 -0.44 -26.09 -16.40
N THR A 454 -0.56 -26.46 -15.12
CA THR A 454 0.61 -26.44 -14.24
C THR A 454 1.66 -27.46 -14.67
N ILE A 455 1.24 -28.63 -15.11
CA ILE A 455 2.21 -29.62 -15.60
C ILE A 455 2.96 -29.09 -16.82
N SER A 456 2.26 -28.42 -17.74
CA SER A 456 2.95 -27.83 -18.88
C SER A 456 3.92 -26.75 -18.45
N TYR A 457 3.53 -25.90 -17.51
CA TYR A 457 4.43 -24.85 -17.02
C TYR A 457 5.68 -25.43 -16.38
N LEU A 458 5.55 -26.53 -15.63
CA LEU A 458 6.72 -27.14 -15.03
C LEU A 458 7.60 -27.82 -16.07
N ALA A 459 7.01 -28.54 -17.00
CA ALA A 459 7.80 -29.28 -17.98
C ALA A 459 8.57 -28.34 -18.92
N ILE A 460 7.95 -27.24 -19.33
CA ILE A 460 8.65 -26.33 -20.24
C ILE A 460 9.86 -25.71 -19.56
N SER A 461 9.70 -25.23 -18.33
CA SER A 461 10.84 -24.63 -17.64
C SER A 461 11.94 -25.65 -17.38
N ALA A 462 11.57 -26.85 -16.93
CA ALA A 462 12.60 -27.86 -16.67
C ALA A 462 13.33 -28.29 -17.93
N THR A 463 12.64 -28.50 -19.05
CA THR A 463 13.33 -28.94 -20.26
C THR A 463 14.07 -27.80 -20.97
N ILE A 464 13.59 -26.57 -20.89
CA ILE A 464 14.36 -25.47 -21.47
C ILE A 464 15.60 -25.20 -20.62
N GLY A 465 15.53 -25.41 -19.31
CA GLY A 465 16.66 -25.09 -18.46
C GLY A 465 17.80 -26.08 -18.52
N SER A 466 17.60 -27.22 -19.18
CA SER A 466 18.66 -28.21 -19.29
C SER A 466 19.14 -28.39 -20.73
N CYS A 467 18.96 -27.38 -21.57
CA CYS A 467 19.40 -27.43 -22.97
C CYS A 467 20.19 -26.21 -23.39
N VAL A 468 19.84 -25.02 -22.90
CA VAL A 468 20.45 -23.77 -23.36
C VAL A 468 21.19 -23.12 -22.21
N VAL A 469 22.42 -22.69 -22.47
CA VAL A 469 23.22 -21.99 -21.47
C VAL A 469 22.75 -20.55 -21.42
N ARG A 470 23.10 -19.83 -20.40
CA ARG A 470 22.58 -18.50 -20.23
C ARG A 470 23.32 -17.38 -21.01
N ASP A 471 24.46 -17.67 -21.58
CA ASP A 471 25.18 -16.66 -22.36
C ASP A 471 25.75 -17.34 -23.60
N ALA A 472 25.52 -16.72 -24.76
CA ALA A 472 26.10 -17.20 -26.00
C ALA A 472 26.20 -16.05 -26.98
N SER A 473 27.22 -16.10 -27.81
CA SER A 473 27.59 -14.98 -28.67
C SER A 473 26.64 -14.83 -29.84
N GLY A 474 26.56 -15.85 -30.70
CA GLY A 474 25.63 -15.80 -31.81
C GLY A 474 26.29 -15.99 -33.15
N VAL A 475 27.59 -15.80 -33.22
CA VAL A 475 28.31 -15.91 -34.48
C VAL A 475 29.10 -17.21 -34.51
N LEU A 476 29.17 -17.82 -35.70
CA LEU A 476 29.78 -19.13 -35.86
C LEU A 476 31.30 -19.09 -35.80
N ASN A 477 31.90 -17.92 -35.63
CA ASN A 477 33.36 -17.77 -35.59
C ASN A 477 33.92 -17.81 -34.17
N ASP A 478 33.27 -18.53 -33.26
CA ASP A 478 33.73 -18.64 -31.88
C ASP A 478 33.93 -20.08 -31.44
N THR A 479 34.30 -20.97 -32.34
CA THR A 479 34.64 -22.32 -31.92
C THR A 479 36.00 -22.32 -31.23
N VAL A 480 36.24 -23.36 -30.44
CA VAL A 480 37.48 -23.44 -29.67
C VAL A 480 38.67 -23.54 -30.61
N THR A 481 39.64 -22.68 -30.41
CA THR A 481 40.86 -22.70 -31.21
C THR A 481 41.91 -23.57 -30.52
N PRO A 482 42.55 -24.48 -31.26
CA PRO A 482 43.69 -25.20 -30.68
C PRO A 482 44.90 -24.30 -30.54
N GLY A 483 45.39 -24.13 -29.31
CA GLY A 483 46.48 -23.22 -29.04
C GLY A 483 46.07 -21.84 -28.56
N TRP A 484 44.79 -21.64 -28.24
CA TRP A 484 44.31 -20.35 -27.76
C TRP A 484 44.35 -20.30 -26.24
N GLY A 485 45.49 -20.67 -25.65
CA GLY A 485 45.64 -20.65 -24.21
C GLY A 485 44.55 -21.41 -23.49
N ALA A 486 43.68 -20.68 -22.78
CA ALA A 486 42.56 -21.26 -22.05
C ALA A 486 41.33 -20.39 -22.25
N CYS A 487 40.17 -20.99 -22.02
CA CYS A 487 38.89 -20.31 -22.11
C CYS A 487 38.05 -20.62 -20.88
N GLU A 488 37.24 -19.66 -20.47
CA GLU A 488 36.38 -19.78 -19.31
C GLU A 488 34.94 -19.96 -19.78
N GLY A 489 34.22 -20.88 -19.13
CA GLY A 489 32.83 -21.11 -19.47
C GLY A 489 32.48 -22.57 -19.54
N LEU A 490 31.18 -22.88 -19.41
CA LEU A 490 30.75 -24.27 -19.44
C LEU A 490 30.79 -24.84 -20.85
N ALA A 491 30.37 -24.07 -21.85
CA ALA A 491 30.28 -24.57 -23.21
C ALA A 491 31.63 -24.86 -23.84
N CYS A 492 32.73 -24.41 -23.23
CA CYS A 492 34.05 -24.69 -23.78
C CYS A 492 34.28 -26.18 -23.97
N SER A 493 33.69 -27.01 -23.10
CA SER A 493 33.78 -28.45 -23.24
C SER A 493 33.03 -28.98 -24.45
N TYR A 494 32.21 -28.15 -25.11
CA TYR A 494 31.48 -28.55 -26.29
C TYR A 494 32.06 -28.02 -27.59
N GLY A 495 32.94 -27.02 -27.51
CA GLY A 495 33.62 -26.55 -28.70
C GLY A 495 33.31 -25.11 -29.04
N TRP A 496 32.85 -24.34 -28.07
CA TRP A 496 32.46 -22.95 -28.31
C TRP A 496 33.02 -22.05 -27.23
N ASN A 497 33.22 -20.79 -27.59
CA ASN A 497 34.04 -19.85 -26.83
C ASN A 497 33.26 -18.55 -26.66
N PHE A 498 32.70 -18.34 -25.48
CA PHE A 498 31.88 -17.15 -25.22
C PHE A 498 32.47 -16.29 -24.11
N THR A 499 33.80 -16.25 -24.01
CA THR A 499 34.44 -15.50 -22.91
C THR A 499 34.23 -14.00 -23.06
N GLU A 500 34.16 -13.50 -24.30
CA GLU A 500 34.05 -12.06 -24.51
C GLU A 500 32.71 -11.52 -24.01
N CYS A 501 31.63 -12.27 -24.21
CA CYS A 501 30.35 -11.93 -23.57
C CYS A 501 30.52 -11.70 -22.08
N THR A 502 31.00 -12.72 -21.37
CA THR A 502 31.10 -12.62 -19.92
C THR A 502 32.02 -11.50 -19.49
N GLN A 503 33.09 -11.24 -20.24
CA GLN A 503 33.97 -10.13 -19.91
C GLN A 503 33.27 -8.79 -20.08
N GLN A 504 32.52 -8.61 -21.16
CA GLN A 504 31.97 -7.31 -21.49
C GLN A 504 30.49 -7.16 -21.17
N HIS A 505 29.76 -8.26 -20.98
CA HIS A 505 28.30 -8.21 -20.76
C HIS A 505 27.58 -7.57 -21.94
N SER A 506 28.02 -7.89 -23.15
CA SER A 506 27.60 -7.13 -24.34
C SER A 506 27.23 -8.04 -25.50
N CYS A 507 26.41 -9.06 -25.24
CA CYS A 507 25.89 -9.88 -26.33
C CYS A 507 24.41 -10.19 -26.12
N HIS A 508 23.78 -10.67 -27.19
CA HIS A 508 22.34 -10.64 -27.34
C HIS A 508 21.70 -12.01 -27.47
N TYR A 509 22.40 -13.10 -27.21
CA TYR A 509 21.86 -14.43 -27.36
C TYR A 509 22.10 -15.23 -26.09
N GLY A 510 21.34 -16.31 -25.96
CA GLY A 510 21.35 -17.14 -24.76
C GLY A 510 20.05 -17.02 -23.99
N LEU A 511 19.91 -17.92 -23.02
CA LEU A 511 18.64 -18.06 -22.33
C LEU A 511 18.25 -16.78 -21.58
N ILE A 512 19.21 -15.98 -21.17
CA ILE A 512 18.93 -14.84 -20.31
C ILE A 512 18.88 -13.52 -21.05
N ASN A 513 19.39 -13.45 -22.28
CA ASN A 513 19.44 -12.20 -23.03
C ASN A 513 18.47 -12.17 -24.21
N TYR A 514 18.06 -13.32 -24.72
CA TYR A 514 17.27 -13.40 -25.94
C TYR A 514 15.89 -13.95 -25.63
N TYR A 515 14.85 -13.15 -25.87
CA TYR A 515 13.49 -13.48 -25.46
C TYR A 515 12.83 -14.53 -26.33
N GLN A 516 13.40 -14.85 -27.49
CA GLN A 516 12.79 -15.79 -28.41
C GLN A 516 13.63 -17.06 -28.55
N THR A 517 14.12 -17.57 -27.42
CA THR A 517 14.86 -18.82 -27.43
C THR A 517 14.00 -19.99 -27.87
N MET A 518 12.74 -20.00 -27.44
CA MET A 518 11.85 -21.12 -27.73
C MET A 518 11.61 -21.30 -29.22
N SER A 519 11.60 -20.22 -29.99
CA SER A 519 11.52 -20.30 -31.44
C SER A 519 12.79 -20.81 -32.07
N MET A 520 13.95 -20.50 -31.49
CA MET A 520 15.22 -21.02 -31.97
C MET A 520 15.36 -22.51 -31.74
N VAL A 521 14.95 -23.02 -30.58
CA VAL A 521 15.12 -24.43 -30.29
C VAL A 521 14.26 -25.30 -31.19
N SER A 522 13.08 -24.82 -31.57
CA SER A 522 12.06 -25.62 -32.24
C SER A 522 12.53 -26.10 -33.61
N GLY A 523 11.97 -27.22 -34.05
CA GLY A 523 12.34 -27.77 -35.35
C GLY A 523 12.01 -26.85 -36.50
N PHE A 524 10.78 -26.34 -36.53
CA PHE A 524 10.35 -25.37 -37.54
C PHE A 524 9.75 -24.18 -36.81
N ALA A 525 10.23 -22.99 -37.12
CA ALA A 525 9.95 -21.80 -36.32
C ALA A 525 8.57 -21.19 -36.51
N PRO A 526 7.98 -21.17 -37.71
CA PRO A 526 6.67 -20.53 -37.87
C PRO A 526 5.56 -21.17 -37.04
N LEU A 527 5.70 -22.43 -36.65
CA LEU A 527 4.66 -23.03 -35.82
C LEU A 527 4.63 -22.45 -34.42
N ILE A 528 5.75 -21.90 -33.95
CA ILE A 528 5.73 -21.19 -32.67
C ILE A 528 4.96 -19.89 -32.79
N THR A 529 5.10 -19.19 -33.92
CA THR A 529 4.30 -17.99 -34.13
C THR A 529 2.82 -18.32 -34.27
N ALA A 530 2.51 -19.44 -34.92
CA ALA A 530 1.13 -19.90 -34.96
C ALA A 530 0.61 -20.21 -33.57
N GLY A 531 1.43 -20.81 -32.72
CA GLY A 531 1.04 -21.00 -31.34
C GLY A 531 0.78 -19.70 -30.60
N ILE A 532 1.58 -18.68 -30.89
CA ILE A 532 1.37 -17.39 -30.24
C ILE A 532 0.06 -16.77 -30.70
N PHE A 533 -0.27 -16.88 -31.99
CA PHE A 533 -1.56 -16.42 -32.48
C PHE A 533 -2.70 -17.13 -31.78
N GLY A 534 -2.63 -18.45 -31.70
CA GLY A 534 -3.69 -19.21 -31.06
C GLY A 534 -3.77 -18.96 -29.57
N ALA A 535 -2.68 -18.51 -28.96
CA ALA A 535 -2.70 -18.22 -27.52
C ALA A 535 -3.28 -16.86 -27.22
N THR A 536 -3.02 -15.85 -28.07
CA THR A 536 -3.59 -14.53 -27.81
C THR A 536 -5.03 -14.40 -28.29
N LEU A 537 -5.35 -14.94 -29.46
CA LEU A 537 -6.71 -14.78 -29.97
C LEU A 537 -7.71 -15.58 -29.15
N SER A 538 -7.31 -16.73 -28.62
CA SER A 538 -8.22 -17.53 -27.82
C SER A 538 -8.52 -16.85 -26.48
N SER A 539 -7.52 -16.22 -25.86
CA SER A 539 -7.77 -15.47 -24.64
C SER A 539 -8.65 -14.25 -24.91
N ALA A 540 -8.43 -13.57 -26.03
CA ALA A 540 -9.31 -12.45 -26.38
C ALA A 540 -10.74 -12.90 -26.61
N LEU A 541 -10.92 -14.04 -27.27
CA LEU A 541 -12.26 -14.57 -27.51
C LEU A 541 -12.94 -15.00 -26.20
N ALA A 542 -12.20 -15.65 -25.31
CA ALA A 542 -12.76 -16.02 -24.03
C ALA A 542 -13.16 -14.81 -23.22
N CYS A 543 -12.34 -13.76 -23.22
CA CYS A 543 -12.69 -12.55 -22.49
C CYS A 543 -13.87 -11.84 -23.12
N LEU A 544 -14.00 -11.87 -24.44
CA LEU A 544 -15.14 -11.23 -25.09
C LEU A 544 -16.44 -11.96 -24.80
N VAL A 545 -16.41 -13.30 -24.75
CA VAL A 545 -17.61 -14.03 -24.40
C VAL A 545 -17.94 -13.88 -22.92
N SER A 546 -16.91 -13.75 -22.08
CA SER A 546 -17.16 -13.59 -20.66
C SER A 546 -17.73 -12.22 -20.32
N ALA A 547 -17.23 -11.16 -20.93
CA ALA A 547 -17.72 -9.81 -20.62
C ALA A 547 -19.11 -9.57 -21.16
N ALA A 548 -19.53 -10.29 -22.19
CA ALA A 548 -20.87 -10.13 -22.73
C ALA A 548 -21.93 -10.77 -21.85
N LYS A 549 -21.66 -11.94 -21.29
CA LYS A 549 -22.66 -12.64 -20.49
C LYS A 549 -22.75 -12.12 -19.07
N VAL A 550 -21.85 -11.25 -18.64
CA VAL A 550 -21.99 -10.55 -17.37
C VAL A 550 -22.71 -9.22 -17.53
N PHE A 551 -22.36 -8.45 -18.56
CA PHE A 551 -23.18 -7.29 -18.93
C PHE A 551 -24.62 -7.68 -19.21
N GLN A 552 -24.86 -8.79 -19.90
CA GLN A 552 -26.24 -9.15 -20.21
C GLN A 552 -27.00 -9.58 -18.97
N CYS A 553 -26.32 -10.12 -17.97
CA CYS A 553 -26.97 -10.46 -16.71
C CYS A 553 -27.20 -9.24 -15.83
N LEU A 554 -26.29 -8.26 -15.90
CA LEU A 554 -26.44 -7.03 -15.14
C LEU A 554 -27.50 -6.12 -15.73
N CYS A 555 -27.74 -6.19 -17.04
CA CYS A 555 -28.83 -5.45 -17.65
C CYS A 555 -30.19 -6.05 -17.34
N GLU A 556 -30.26 -7.32 -16.95
CA GLU A 556 -31.50 -7.98 -16.61
C GLU A 556 -31.66 -8.23 -15.12
N ASP A 557 -30.84 -7.58 -14.30
CA ASP A 557 -30.86 -7.78 -12.86
C ASP A 557 -31.76 -6.75 -12.22
N GLN A 558 -32.80 -7.23 -11.52
CA GLN A 558 -33.80 -6.34 -10.95
C GLN A 558 -33.32 -5.65 -9.69
N LEU A 559 -32.41 -6.27 -8.94
CA LEU A 559 -31.93 -5.72 -7.69
C LEU A 559 -30.71 -4.83 -7.87
N TYR A 560 -30.17 -4.70 -9.08
CA TYR A 560 -29.10 -3.76 -9.40
C TYR A 560 -29.50 -2.98 -10.64
N PRO A 561 -30.29 -1.94 -10.49
CA PRO A 561 -30.84 -1.23 -11.65
C PRO A 561 -29.97 -0.10 -12.18
N LEU A 562 -28.67 -0.08 -11.86
CA LEU A 562 -27.84 1.04 -12.28
C LEU A 562 -27.77 1.16 -13.80
N ILE A 563 -27.49 0.07 -14.50
CA ILE A 563 -27.35 0.14 -15.95
C ILE A 563 -28.41 -0.71 -16.65
N GLY A 564 -29.56 -0.86 -16.01
CA GLY A 564 -30.63 -1.60 -16.65
C GLY A 564 -31.31 -0.88 -17.80
N PHE A 565 -30.86 0.33 -18.15
CA PHE A 565 -31.47 1.14 -19.18
C PHE A 565 -30.89 0.92 -20.57
N PHE A 566 -29.85 0.08 -20.70
CA PHE A 566 -29.06 0.05 -21.92
C PHE A 566 -29.79 -0.55 -23.11
N GLY A 567 -30.85 -1.32 -22.91
CA GLY A 567 -31.46 -2.06 -24.00
C GLY A 567 -32.61 -1.40 -24.70
N LYS A 568 -32.52 -1.29 -26.02
CA LYS A 568 -33.56 -0.72 -26.87
C LYS A 568 -34.17 -1.75 -27.80
N GLY A 569 -33.36 -2.47 -28.56
CA GLY A 569 -33.85 -3.51 -29.45
C GLY A 569 -34.00 -4.83 -28.73
N TYR A 570 -34.92 -5.66 -29.23
CA TYR A 570 -35.16 -6.95 -28.61
C TYR A 570 -33.97 -7.88 -28.75
N GLY A 571 -33.45 -8.04 -29.97
CA GLY A 571 -32.33 -8.94 -30.19
C GLY A 571 -32.65 -10.37 -29.80
N LYS A 572 -33.88 -10.80 -30.02
CA LYS A 572 -34.35 -12.12 -29.56
C LYS A 572 -33.86 -13.17 -30.55
N ASN A 573 -32.57 -13.48 -30.45
CA ASN A 573 -31.93 -14.54 -31.21
C ASN A 573 -31.05 -15.40 -30.31
N LYS A 574 -31.38 -15.43 -29.02
CA LYS A 574 -30.64 -16.21 -28.03
C LYS A 574 -29.18 -15.81 -27.99
N GLU A 575 -28.89 -14.53 -28.15
CA GLU A 575 -27.56 -13.99 -28.06
C GLU A 575 -27.58 -12.68 -27.28
N PRO A 576 -26.59 -12.44 -26.43
CA PRO A 576 -26.51 -11.17 -25.68
C PRO A 576 -26.03 -10.02 -26.56
N VAL A 577 -26.91 -9.55 -27.43
CA VAL A 577 -26.50 -8.52 -28.39
C VAL A 577 -26.13 -7.22 -27.70
N ARG A 578 -26.94 -6.78 -26.74
CA ARG A 578 -26.66 -5.56 -26.01
C ARG A 578 -25.58 -5.73 -24.96
N GLY A 579 -25.03 -6.93 -24.82
CA GLY A 579 -23.88 -7.13 -23.99
C GLY A 579 -22.64 -7.35 -24.84
N TYR A 580 -22.84 -7.75 -26.10
CA TYR A 580 -21.73 -7.85 -27.02
C TYR A 580 -21.32 -6.47 -27.53
N LEU A 581 -22.30 -5.60 -27.79
CA LEU A 581 -21.96 -4.27 -28.29
C LEU A 581 -21.32 -3.39 -27.22
N LEU A 582 -21.77 -3.53 -25.96
CA LEU A 582 -21.15 -2.80 -24.87
C LEU A 582 -19.70 -3.22 -24.64
N ALA A 583 -19.39 -4.51 -24.75
CA ALA A 583 -18.01 -4.95 -24.61
C ALA A 583 -17.17 -4.57 -25.81
N TYR A 584 -17.77 -4.59 -27.01
CA TYR A 584 -17.07 -4.16 -28.21
C TYR A 584 -16.67 -2.69 -28.14
N ALA A 585 -17.55 -1.84 -27.59
CA ALA A 585 -17.23 -0.43 -27.48
C ALA A 585 -16.01 -0.18 -26.59
N ILE A 586 -15.98 -0.82 -25.41
CA ILE A 586 -14.85 -0.63 -24.50
C ILE A 586 -13.58 -1.20 -25.12
N ALA A 587 -13.68 -2.36 -25.77
CA ALA A 587 -12.50 -2.94 -26.40
C ALA A 587 -11.93 -2.02 -27.46
N VAL A 588 -12.79 -1.45 -28.32
CA VAL A 588 -12.31 -0.56 -29.37
C VAL A 588 -11.74 0.72 -28.77
N ALA A 589 -12.38 1.26 -27.73
CA ALA A 589 -11.89 2.47 -27.11
C ALA A 589 -10.49 2.28 -26.54
N PHE A 590 -10.21 1.13 -25.93
CA PHE A 590 -8.88 0.90 -25.39
C PHE A 590 -7.89 0.39 -26.42
N ILE A 591 -8.35 -0.08 -27.58
CA ILE A 591 -7.43 -0.39 -28.66
C ILE A 591 -6.97 0.87 -29.39
N ILE A 592 -7.82 1.89 -29.46
CA ILE A 592 -7.39 3.17 -30.05
C ILE A 592 -6.23 3.77 -29.27
N ILE A 593 -6.29 3.70 -27.93
CA ILE A 593 -5.21 4.21 -27.09
C ILE A 593 -3.91 3.46 -27.37
N ALA A 594 -4.00 2.14 -27.48
CA ALA A 594 -2.97 1.30 -28.07
C ALA A 594 -1.70 1.14 -27.25
N GLU A 595 -1.60 1.81 -26.10
CA GLU A 595 -0.44 1.65 -25.22
C GLU A 595 -0.95 1.54 -23.80
N LEU A 596 -0.96 0.30 -23.29
CA LEU A 596 -1.73 -0.08 -22.11
C LEU A 596 -0.86 -0.69 -21.01
N ASN A 597 0.44 -0.43 -21.01
CA ASN A 597 1.30 -1.01 -19.98
C ASN A 597 1.19 -0.31 -18.64
N THR A 598 0.58 0.86 -18.59
CA THR A 598 0.38 1.57 -17.33
C THR A 598 -1.01 1.37 -16.74
N ILE A 599 -1.99 1.02 -17.58
CA ILE A 599 -3.32 0.65 -17.10
C ILE A 599 -3.37 -0.78 -16.62
N ALA A 600 -2.36 -1.59 -16.95
CA ALA A 600 -2.39 -3.01 -16.62
C ALA A 600 -2.51 -3.31 -15.12
N PRO A 601 -1.76 -2.67 -14.21
CA PRO A 601 -1.92 -3.03 -12.79
C PRO A 601 -3.32 -2.79 -12.25
N ILE A 602 -3.98 -1.71 -12.69
CA ILE A 602 -5.33 -1.42 -12.22
C ILE A 602 -6.29 -2.52 -12.67
N ILE A 603 -6.21 -2.90 -13.94
CA ILE A 603 -7.08 -3.93 -14.47
C ILE A 603 -6.79 -5.27 -13.81
N SER A 604 -5.53 -5.53 -13.50
CA SER A 604 -5.18 -6.79 -12.86
C SER A 604 -5.60 -6.85 -11.41
N ASN A 605 -5.74 -5.71 -10.74
CA ASN A 605 -6.29 -5.69 -9.39
C ASN A 605 -7.81 -5.70 -9.38
N PHE A 606 -8.45 -5.24 -10.45
CA PHE A 606 -9.89 -5.43 -10.60
C PHE A 606 -10.28 -6.91 -10.57
N PHE A 607 -9.33 -7.80 -10.88
CA PHE A 607 -9.58 -9.23 -10.89
C PHE A 607 -9.31 -9.90 -9.55
N LEU A 608 -8.37 -9.38 -8.77
CA LEU A 608 -8.15 -9.87 -7.42
C LEU A 608 -9.18 -9.34 -6.43
N CYS A 609 -9.77 -8.18 -6.70
CA CYS A 609 -10.92 -7.74 -5.92
C CYS A 609 -12.09 -8.71 -6.00
N SER A 610 -12.22 -9.43 -7.12
CA SER A 610 -13.27 -10.43 -7.27
C SER A 610 -12.90 -11.75 -6.62
N TYR A 611 -11.62 -12.15 -6.70
CA TYR A 611 -11.18 -13.34 -5.99
C TYR A 611 -11.39 -13.20 -4.50
N ALA A 612 -10.98 -12.07 -3.94
CA ALA A 612 -11.12 -11.86 -2.50
C ALA A 612 -12.59 -11.93 -2.07
N LEU A 613 -13.49 -11.29 -2.81
CA LEU A 613 -14.89 -11.28 -2.41
C LEU A 613 -15.59 -12.60 -2.67
N ILE A 614 -15.23 -13.35 -3.71
CA ILE A 614 -15.80 -14.67 -3.89
C ILE A 614 -15.42 -15.58 -2.74
N ASN A 615 -14.12 -15.60 -2.39
CA ASN A 615 -13.69 -16.45 -1.30
C ASN A 615 -14.29 -16.03 0.03
N PHE A 616 -14.31 -14.73 0.31
CA PHE A 616 -14.89 -14.29 1.57
C PHE A 616 -16.39 -14.52 1.62
N SER A 617 -17.09 -14.46 0.50
CA SER A 617 -18.52 -14.75 0.54
C SER A 617 -18.78 -16.22 0.81
N CYS A 618 -17.95 -17.10 0.26
CA CYS A 618 -18.06 -18.51 0.62
C CYS A 618 -17.86 -18.72 2.12
N PHE A 619 -16.79 -18.14 2.68
CA PHE A 619 -16.54 -18.30 4.11
C PHE A 619 -17.68 -17.71 4.95
N HIS A 620 -18.10 -16.49 4.60
CA HIS A 620 -19.11 -15.80 5.40
C HIS A 620 -20.44 -16.54 5.36
N ALA A 621 -20.81 -17.10 4.21
CA ALA A 621 -22.06 -17.83 4.15
C ALA A 621 -21.99 -19.16 4.87
N SER A 622 -20.82 -19.80 4.88
CA SER A 622 -20.71 -21.08 5.56
C SER A 622 -20.61 -20.96 7.08
N ILE A 623 -19.91 -19.95 7.59
CA ILE A 623 -19.82 -19.83 9.05
C ILE A 623 -21.14 -19.36 9.64
N THR A 624 -21.90 -18.55 8.91
CA THR A 624 -23.14 -17.96 9.38
C THR A 624 -24.32 -18.92 9.26
N ASN A 625 -24.11 -20.11 8.71
CA ASN A 625 -25.17 -21.08 8.48
C ASN A 625 -26.31 -20.45 7.68
N SER A 626 -25.92 -19.84 6.56
CA SER A 626 -26.84 -19.02 5.79
C SER A 626 -28.01 -19.87 5.29
N PRO A 627 -29.20 -19.30 5.19
CA PRO A 627 -30.38 -20.10 4.81
C PRO A 627 -30.49 -20.34 3.31
N GLY A 628 -29.77 -21.34 2.83
CA GLY A 628 -29.85 -21.69 1.43
C GLY A 628 -28.51 -22.02 0.82
N TRP A 629 -27.43 -21.83 1.57
CA TRP A 629 -26.08 -22.13 1.13
C TRP A 629 -25.73 -23.50 1.70
N ARG A 630 -25.89 -24.54 0.89
CA ARG A 630 -25.63 -25.92 1.29
C ARG A 630 -24.90 -26.64 0.17
N PRO A 631 -23.62 -26.36 -0.01
CA PRO A 631 -22.87 -27.01 -1.09
C PRO A 631 -22.61 -28.48 -0.78
N SER A 632 -22.37 -29.25 -1.84
CA SER A 632 -22.07 -30.67 -1.70
C SER A 632 -20.70 -31.06 -2.25
N PHE A 633 -19.87 -30.10 -2.65
CA PHE A 633 -18.53 -30.44 -3.09
C PHE A 633 -17.73 -30.99 -1.91
N GLN A 634 -17.06 -32.12 -2.13
CA GLN A 634 -16.41 -32.82 -1.03
C GLN A 634 -15.23 -32.03 -0.47
N TYR A 635 -14.37 -31.52 -1.35
CA TYR A 635 -13.11 -30.91 -0.92
C TYR A 635 -13.26 -29.40 -0.83
N TYR A 636 -14.13 -28.98 0.08
CA TYR A 636 -14.32 -27.57 0.38
C TYR A 636 -14.28 -27.38 1.88
N ASN A 637 -13.64 -26.31 2.34
CA ASN A 637 -13.49 -26.02 3.77
C ASN A 637 -13.51 -24.52 3.99
N LYS A 638 -14.13 -24.09 5.10
CA LYS A 638 -14.22 -22.66 5.42
C LYS A 638 -12.86 -21.98 5.43
N TRP A 639 -11.90 -22.59 6.10
CA TRP A 639 -10.65 -21.91 6.42
C TRP A 639 -9.74 -21.79 5.22
N ALA A 640 -9.84 -22.72 4.27
CA ALA A 640 -9.16 -22.53 2.99
C ALA A 640 -9.71 -21.32 2.26
N ALA A 641 -11.03 -21.12 2.29
CA ALA A 641 -11.62 -19.95 1.66
C ALA A 641 -11.19 -18.67 2.36
N LEU A 642 -11.14 -18.68 3.69
CA LEU A 642 -10.67 -17.50 4.42
C LEU A 642 -9.23 -17.18 4.07
N PHE A 643 -8.38 -18.21 3.99
CA PHE A 643 -6.99 -17.98 3.61
C PHE A 643 -6.89 -17.39 2.21
N GLY A 644 -7.69 -17.90 1.27
CA GLY A 644 -7.68 -17.34 -0.07
C GLY A 644 -8.11 -15.89 -0.10
N ALA A 645 -9.14 -15.55 0.68
CA ALA A 645 -9.61 -14.17 0.73
C ALA A 645 -8.56 -13.23 1.30
N ILE A 646 -7.83 -13.67 2.33
CA ILE A 646 -6.79 -12.81 2.90
C ILE A 646 -5.62 -12.67 1.95
N ILE A 647 -5.18 -13.78 1.35
CA ILE A 647 -3.98 -13.74 0.53
C ILE A 647 -4.21 -12.98 -0.76
N SER A 648 -5.45 -12.96 -1.27
CA SER A 648 -5.71 -12.17 -2.46
C SER A 648 -5.52 -10.68 -2.22
N VAL A 649 -5.99 -10.16 -1.07
CA VAL A 649 -5.79 -8.75 -0.74
C VAL A 649 -4.32 -8.45 -0.46
N VAL A 650 -3.64 -9.34 0.26
CA VAL A 650 -2.22 -9.13 0.51
C VAL A 650 -1.46 -9.05 -0.81
N ILE A 651 -1.78 -9.92 -1.77
CA ILE A 651 -1.10 -9.88 -3.07
C ILE A 651 -1.49 -8.63 -3.84
N MET A 652 -2.75 -8.22 -3.76
CA MET A 652 -3.18 -6.97 -4.39
C MET A 652 -2.27 -5.82 -4.00
N PHE A 653 -2.06 -5.65 -2.69
CA PHE A 653 -1.24 -4.51 -2.26
C PHE A 653 0.24 -4.75 -2.47
N LEU A 654 0.68 -6.01 -2.40
CA LEU A 654 2.11 -6.30 -2.58
C LEU A 654 2.56 -6.12 -4.02
N LEU A 655 1.65 -6.24 -4.98
CA LEU A 655 2.04 -6.03 -6.37
C LEU A 655 2.28 -4.55 -6.67
N THR A 656 1.27 -3.71 -6.42
CA THR A 656 1.43 -2.26 -6.58
C THR A 656 0.37 -1.58 -5.73
N TRP A 657 0.78 -0.78 -4.74
CA TRP A 657 -0.17 -0.32 -3.73
C TRP A 657 -1.10 0.77 -4.26
N TRP A 658 -0.63 1.68 -5.11
CA TRP A 658 -1.52 2.73 -5.59
C TRP A 658 -2.57 2.22 -6.56
N ALA A 659 -2.22 1.20 -7.35
CA ALA A 659 -3.22 0.56 -8.20
C ALA A 659 -4.29 -0.13 -7.37
N ALA A 660 -3.90 -0.76 -6.26
CA ALA A 660 -4.88 -1.34 -5.35
C ALA A 660 -5.77 -0.27 -4.73
N LEU A 661 -5.19 0.88 -4.38
CA LEU A 661 -6.01 1.96 -3.84
C LEU A 661 -6.99 2.47 -4.88
N ILE A 662 -6.58 2.58 -6.14
CA ILE A 662 -7.48 3.04 -7.19
C ILE A 662 -8.60 2.03 -7.42
N ALA A 663 -8.28 0.74 -7.42
CA ALA A 663 -9.32 -0.28 -7.59
C ALA A 663 -10.33 -0.25 -6.46
N ILE A 664 -9.85 -0.17 -5.21
CA ILE A 664 -10.76 -0.13 -4.07
C ILE A 664 -11.55 1.18 -4.06
N GLY A 665 -10.94 2.28 -4.49
CA GLY A 665 -11.69 3.53 -4.59
C GLY A 665 -12.79 3.46 -5.61
N VAL A 666 -12.55 2.82 -6.75
CA VAL A 666 -13.59 2.69 -7.77
C VAL A 666 -14.73 1.83 -7.25
N VAL A 667 -14.41 0.70 -6.62
CA VAL A 667 -15.46 -0.15 -6.06
C VAL A 667 -16.26 0.61 -5.02
N LEU A 668 -15.58 1.37 -4.16
CA LEU A 668 -16.28 2.13 -3.12
C LEU A 668 -17.13 3.24 -3.69
N PHE A 669 -16.64 3.92 -4.73
CA PHE A 669 -17.44 4.97 -5.35
C PHE A 669 -18.73 4.39 -5.91
N LEU A 670 -18.65 3.24 -6.59
CA LEU A 670 -19.86 2.62 -7.11
C LEU A 670 -20.80 2.22 -5.98
N LEU A 671 -20.25 1.58 -4.94
CA LEU A 671 -21.06 1.09 -3.84
C LEU A 671 -21.76 2.23 -3.11
N LEU A 672 -21.08 3.37 -2.96
CA LEU A 672 -21.64 4.49 -2.21
C LEU A 672 -22.54 5.35 -3.07
N TYR A 673 -22.29 5.41 -4.38
CA TYR A 673 -23.23 6.08 -5.26
C TYR A 673 -24.54 5.32 -5.36
N VAL A 674 -24.51 4.01 -5.14
CA VAL A 674 -25.75 3.23 -5.20
C VAL A 674 -26.52 3.36 -3.89
N ILE A 675 -25.83 3.48 -2.76
CA ILE A 675 -26.52 3.61 -1.48
C ILE A 675 -27.19 4.98 -1.35
N TYR A 676 -26.52 6.04 -1.79
CA TYR A 676 -27.07 7.38 -1.72
C TYR A 676 -27.82 7.75 -2.99
N LYS B 202 -20.30 16.79 47.90
CA LYS B 202 -19.24 17.57 47.28
C LYS B 202 -19.35 17.53 45.75
N GLU B 203 -19.34 18.70 45.13
CA GLU B 203 -19.38 18.76 43.67
C GLU B 203 -18.07 18.25 43.08
N PRO B 204 -18.08 17.79 41.84
CA PRO B 204 -16.82 17.45 41.17
C PRO B 204 -16.04 18.69 40.79
N VAL B 205 -14.87 18.52 40.19
CA VAL B 205 -14.04 19.63 39.75
C VAL B 205 -14.26 19.81 38.25
N ARG B 206 -14.49 21.05 37.84
CA ARG B 206 -14.73 21.40 36.45
C ARG B 206 -13.73 22.46 36.02
N PHE B 207 -13.41 22.49 34.73
CA PHE B 207 -12.34 23.32 34.22
C PHE B 207 -12.86 24.27 33.15
N GLY B 208 -12.17 25.40 32.99
CA GLY B 208 -12.51 26.36 31.97
C GLY B 208 -11.94 25.98 30.62
N TRP B 209 -12.13 26.86 29.66
CA TRP B 209 -11.70 26.58 28.30
C TRP B 209 -10.23 26.87 28.07
N VAL B 210 -9.56 27.55 28.99
CA VAL B 210 -8.14 27.84 28.84
C VAL B 210 -7.35 26.71 29.48
N LYS B 211 -7.61 26.47 30.76
CA LYS B 211 -6.88 25.42 31.47
C LYS B 211 -7.41 24.03 31.18
N GLY B 212 -8.50 23.90 30.46
CA GLY B 212 -9.08 22.59 30.24
C GLY B 212 -8.92 22.06 28.84
N VAL B 213 -8.95 22.95 27.85
CA VAL B 213 -8.90 22.56 26.45
C VAL B 213 -7.69 23.14 25.74
N MET B 214 -7.43 24.44 25.88
CA MET B 214 -6.40 25.07 25.09
C MET B 214 -5.00 24.64 25.54
N ILE B 215 -4.73 24.69 26.84
CA ILE B 215 -3.40 24.34 27.33
C ILE B 215 -3.08 22.89 27.04
N ARG B 216 -4.06 21.99 27.25
CA ARG B 216 -3.81 20.57 27.02
C ARG B 216 -3.54 20.28 25.56
N CYS B 217 -4.31 20.89 24.66
CA CYS B 217 -4.09 20.65 23.24
C CYS B 217 -2.74 21.18 22.79
N MET B 218 -2.36 22.39 23.22
CA MET B 218 -1.07 22.90 22.79
C MET B 218 0.08 22.11 23.40
N LEU B 219 -0.09 21.62 24.63
CA LEU B 219 0.97 20.82 25.23
C LEU B 219 1.09 19.46 24.58
N ASN B 220 0.05 18.84 24.08
CA ASN B 220 0.08 17.55 23.37
C ASN B 220 0.53 17.70 21.97
N ILE B 221 0.24 18.79 21.29
CA ILE B 221 0.79 18.97 19.94
C ILE B 221 2.28 19.23 20.01
N TRP B 222 2.73 20.05 20.96
CA TRP B 222 4.15 20.36 21.09
C TRP B 222 4.93 19.17 21.61
N GLY B 223 5.99 18.79 20.89
CA GLY B 223 6.80 17.64 21.26
C GLY B 223 8.26 18.00 21.20
N VAL B 224 9.06 17.08 20.62
CA VAL B 224 10.48 17.33 20.45
C VAL B 224 10.88 17.60 19.00
N ILE B 225 9.98 17.43 18.04
CA ILE B 225 10.28 17.91 16.69
C ILE B 225 10.49 19.40 16.72
N LEU B 226 9.85 20.08 17.66
CA LEU B 226 10.04 21.52 17.82
C LEU B 226 11.48 21.87 18.15
N TYR B 227 12.19 20.98 18.84
CA TYR B 227 13.51 21.29 19.39
C TYR B 227 14.64 20.61 18.67
N LEU B 228 14.42 19.44 18.09
CA LEU B 228 15.50 18.61 17.60
C LEU B 228 15.44 18.28 16.12
N ARG B 229 14.31 18.50 15.45
CA ARG B 229 14.22 18.22 14.02
C ARG B 229 13.74 19.37 13.16
N LEU B 230 12.91 20.28 13.68
CA LEU B 230 12.45 21.37 12.85
C LEU B 230 13.57 22.24 12.31
N PRO B 231 14.61 22.60 13.07
CA PRO B 231 15.72 23.34 12.46
C PRO B 231 16.45 22.58 11.37
N TRP B 232 16.40 21.25 11.36
CA TRP B 232 17.02 20.43 10.33
C TRP B 232 16.14 20.31 9.09
N ILE B 233 14.82 20.18 9.28
CA ILE B 233 13.88 20.25 8.19
C ILE B 233 13.94 21.62 7.50
N THR B 234 14.09 22.69 8.28
CA THR B 234 14.22 24.02 7.70
C THR B 234 15.50 24.17 6.87
N ALA B 235 16.49 23.32 7.09
CA ALA B 235 17.74 23.40 6.35
C ALA B 235 17.69 22.55 5.09
N GLN B 236 17.16 21.33 5.19
CA GLN B 236 17.05 20.47 4.02
C GLN B 236 16.13 21.08 2.96
N ALA B 237 14.98 21.61 3.38
CA ALA B 237 13.93 22.01 2.47
C ALA B 237 13.80 23.53 2.30
N GLY B 238 14.60 24.30 3.00
CA GLY B 238 14.49 25.74 2.90
C GLY B 238 13.26 26.23 3.64
N ILE B 239 13.12 27.55 3.68
CA ILE B 239 12.08 28.16 4.49
C ILE B 239 10.70 28.01 3.85
N VAL B 240 10.59 28.34 2.55
CA VAL B 240 9.30 28.39 1.88
C VAL B 240 8.69 27.00 1.79
N LEU B 241 9.48 26.01 1.40
CA LEU B 241 8.95 24.67 1.25
C LEU B 241 8.64 24.02 2.60
N THR B 242 9.35 24.43 3.65
CA THR B 242 8.98 24.03 5.00
C THR B 242 7.66 24.64 5.42
N TRP B 243 7.43 25.90 5.08
CA TRP B 243 6.12 26.51 5.35
C TRP B 243 5.02 25.77 4.63
N ILE B 244 5.27 25.32 3.40
CA ILE B 244 4.29 24.51 2.69
C ILE B 244 4.05 23.19 3.43
N ILE B 245 5.12 22.56 3.93
CA ILE B 245 4.97 21.34 4.71
C ILE B 245 4.03 21.57 5.89
N ILE B 246 4.29 22.64 6.64
CA ILE B 246 3.52 22.93 7.86
C ILE B 246 2.07 23.21 7.51
N LEU B 247 1.83 24.06 6.52
CA LEU B 247 0.47 24.44 6.17
C LEU B 247 -0.30 23.32 5.50
N LEU B 248 0.38 22.35 4.88
CA LEU B 248 -0.30 21.16 4.39
C LEU B 248 -0.63 20.21 5.53
N SER B 249 0.23 20.12 6.55
CA SER B 249 -0.05 19.23 7.66
C SER B 249 -1.16 19.78 8.55
N VAL B 250 -1.31 21.09 8.66
CA VAL B 250 -2.30 21.64 9.57
C VAL B 250 -3.62 21.90 8.87
N THR B 251 -3.80 21.32 7.69
CA THR B 251 -5.10 21.29 7.02
C THR B 251 -5.88 20.02 7.36
N VAL B 252 -5.20 18.88 7.36
CA VAL B 252 -5.81 17.63 7.78
C VAL B 252 -6.27 17.70 9.23
N THR B 253 -5.55 18.46 10.06
CA THR B 253 -5.94 18.61 11.46
C THR B 253 -6.94 19.74 11.67
N SER B 254 -6.96 20.78 10.84
CA SER B 254 -8.02 21.76 10.93
C SER B 254 -9.37 21.18 10.54
N ILE B 255 -9.41 20.37 9.48
CA ILE B 255 -10.69 19.77 9.07
C ILE B 255 -11.21 18.82 10.15
N THR B 256 -10.31 18.04 10.75
CA THR B 256 -10.74 17.17 11.84
C THR B 256 -11.13 17.97 13.07
N GLY B 257 -10.49 19.11 13.31
CA GLY B 257 -10.91 19.96 14.40
C GLY B 257 -12.30 20.53 14.19
N LEU B 258 -12.65 20.82 12.93
CA LEU B 258 -14.01 21.28 12.65
C LEU B 258 -15.03 20.15 12.84
N SER B 259 -14.67 18.93 12.45
CA SER B 259 -15.56 17.79 12.73
C SER B 259 -15.75 17.57 14.24
N ILE B 260 -14.67 17.66 15.00
CA ILE B 260 -14.76 17.52 16.46
C ILE B 260 -15.61 18.63 17.05
N SER B 261 -15.41 19.86 16.58
CA SER B 261 -16.18 20.98 17.11
C SER B 261 -17.65 20.86 16.73
N ALA B 262 -17.97 20.18 15.64
CA ALA B 262 -19.37 19.91 15.31
C ALA B 262 -19.95 18.82 16.21
N ILE B 263 -19.18 17.76 16.47
CA ILE B 263 -19.66 16.71 17.37
C ILE B 263 -19.91 17.28 18.77
N SER B 264 -19.09 18.23 19.21
CA SER B 264 -19.21 18.74 20.58
C SER B 264 -20.43 19.61 20.79
N THR B 265 -20.89 20.30 19.75
CA THR B 265 -22.06 21.18 19.82
C THR B 265 -23.32 20.47 19.38
N ASN B 266 -23.41 19.17 19.64
CA ASN B 266 -24.58 18.37 19.29
C ASN B 266 -25.26 17.80 20.52
N GLY B 267 -24.64 17.91 21.69
CA GLY B 267 -25.22 17.37 22.89
C GLY B 267 -24.13 17.11 23.90
N LYS B 268 -24.53 16.59 25.06
CA LYS B 268 -23.61 16.31 26.15
C LYS B 268 -23.12 14.88 26.05
N VAL B 269 -21.81 14.72 25.96
CA VAL B 269 -21.16 13.42 25.93
C VAL B 269 -20.33 13.27 27.19
N LYS B 270 -20.02 12.05 27.57
CA LYS B 270 -19.18 11.82 28.72
C LYS B 270 -17.71 11.85 28.31
N SER B 271 -16.83 11.74 29.29
CA SER B 271 -15.40 11.76 29.03
C SER B 271 -14.97 10.46 28.40
N GLY B 272 -14.38 10.54 27.21
CA GLY B 272 -13.97 9.36 26.49
C GLY B 272 -14.95 8.84 25.48
N GLY B 273 -16.08 9.51 25.29
CA GLY B 273 -17.07 9.07 24.32
C GLY B 273 -16.80 9.66 22.96
N THR B 274 -15.52 9.72 22.57
CA THR B 274 -15.18 10.24 21.27
C THR B 274 -15.72 9.37 20.14
N TYR B 275 -15.82 8.07 20.39
CA TYR B 275 -16.24 7.10 19.40
C TYR B 275 -17.74 6.85 19.39
N PHE B 276 -18.51 7.60 20.19
CA PHE B 276 -19.96 7.40 20.19
C PHE B 276 -20.59 7.76 18.86
N LEU B 277 -20.12 8.80 18.18
CA LEU B 277 -20.69 9.10 16.86
C LEU B 277 -20.36 8.00 15.87
N ILE B 278 -19.14 7.47 15.90
CA ILE B 278 -18.80 6.35 15.03
C ILE B 278 -19.70 5.16 15.33
N SER B 279 -20.07 4.99 16.60
CA SER B 279 -20.90 3.84 16.96
C SER B 279 -22.34 4.03 16.52
N ARG B 280 -22.89 5.23 16.67
CA ARG B 280 -24.30 5.42 16.32
C ARG B 280 -24.52 5.80 14.88
N SER B 281 -23.46 5.92 14.09
CA SER B 281 -23.59 6.22 12.67
C SER B 281 -23.21 5.06 11.77
N LEU B 282 -22.26 4.22 12.19
CA LEU B 282 -21.84 3.07 11.40
C LEU B 282 -21.96 1.76 12.17
N GLY B 283 -22.75 1.72 13.23
CA GLY B 283 -22.95 0.50 13.99
C GLY B 283 -22.02 0.39 15.18
N PRO B 284 -22.43 -0.34 16.21
CA PRO B 284 -21.65 -0.43 17.44
C PRO B 284 -20.47 -1.38 17.39
N GLU B 285 -20.14 -1.97 16.25
CA GLU B 285 -18.96 -2.82 16.16
C GLU B 285 -17.75 -2.13 15.55
N LEU B 286 -17.95 -1.04 14.80
CA LEU B 286 -16.87 -0.09 14.59
C LEU B 286 -16.76 0.92 15.71
N GLY B 287 -17.81 1.15 16.47
CA GLY B 287 -17.68 2.03 17.61
C GLY B 287 -16.66 1.47 18.57
N GLY B 288 -16.94 0.29 19.12
CA GLY B 288 -16.05 -0.28 20.10
C GLY B 288 -14.68 -0.63 19.55
N SER B 289 -14.59 -1.07 18.30
CA SER B 289 -13.32 -1.47 17.73
C SER B 289 -12.39 -0.27 17.57
N ILE B 290 -12.91 0.82 17.01
CA ILE B 290 -12.11 2.03 16.91
C ILE B 290 -11.83 2.62 18.28
N GLY B 291 -12.76 2.51 19.22
CA GLY B 291 -12.50 2.96 20.57
C GLY B 291 -11.35 2.22 21.22
N LEU B 292 -11.33 0.90 21.09
CA LEU B 292 -10.25 0.08 21.63
C LEU B 292 -8.92 0.36 20.96
N ILE B 293 -8.92 0.49 19.63
CA ILE B 293 -7.69 0.84 18.93
C ILE B 293 -7.16 2.20 19.35
N PHE B 294 -8.04 3.20 19.50
CA PHE B 294 -7.66 4.52 19.97
C PHE B 294 -7.04 4.46 21.36
N ALA B 295 -7.71 3.77 22.27
CA ALA B 295 -7.23 3.74 23.65
C ALA B 295 -6.03 2.84 23.85
N PHE B 296 -5.71 1.97 22.90
CA PHE B 296 -4.46 1.24 22.91
C PHE B 296 -3.31 2.03 22.31
N ALA B 297 -3.58 2.78 21.24
CA ALA B 297 -2.55 3.64 20.68
C ALA B 297 -2.15 4.74 21.65
N ASN B 298 -3.10 5.24 22.45
CA ASN B 298 -2.75 6.23 23.47
C ASN B 298 -1.82 5.63 24.53
N ALA B 299 -2.13 4.42 25.00
CA ALA B 299 -1.31 3.79 26.02
C ALA B 299 0.05 3.36 25.50
N VAL B 300 0.20 3.16 24.19
CA VAL B 300 1.54 2.96 23.64
C VAL B 300 2.27 4.28 23.41
N GLY B 301 1.56 5.36 23.09
CA GLY B 301 2.19 6.67 23.02
C GLY B 301 2.75 7.12 24.34
N VAL B 302 2.12 6.72 25.45
CA VAL B 302 2.70 7.01 26.76
C VAL B 302 4.11 6.42 26.86
N ALA B 303 4.28 5.17 26.43
CA ALA B 303 5.59 4.53 26.47
C ALA B 303 6.55 5.20 25.50
N MET B 304 6.08 5.57 24.31
CA MET B 304 6.95 6.16 23.31
C MET B 304 7.39 7.57 23.69
N HIS B 305 6.70 8.22 24.60
CA HIS B 305 7.15 9.51 25.12
C HIS B 305 7.98 9.37 26.39
N THR B 306 7.65 8.41 27.25
CA THR B 306 8.49 8.17 28.42
C THR B 306 9.88 7.69 28.01
N VAL B 307 9.97 6.91 26.93
CA VAL B 307 11.28 6.52 26.41
C VAL B 307 12.05 7.74 25.90
N GLY B 308 11.35 8.68 25.27
CA GLY B 308 12.01 9.89 24.81
C GLY B 308 12.51 10.77 25.93
N PHE B 309 11.78 10.82 27.05
CA PHE B 309 12.27 11.52 28.23
C PHE B 309 13.45 10.79 28.85
N ALA B 310 13.36 9.46 28.95
CA ALA B 310 14.42 8.68 29.58
C ALA B 310 15.72 8.77 28.80
N ALA B 311 15.64 8.81 27.47
CA ALA B 311 16.84 8.96 26.66
C ALA B 311 17.52 10.29 26.92
N THR B 312 16.74 11.36 27.01
CA THR B 312 17.33 12.67 27.29
C THR B 312 18.00 12.68 28.66
N VAL B 313 17.35 12.08 29.66
CA VAL B 313 17.94 12.04 31.00
C VAL B 313 19.22 11.21 31.00
N ARG B 314 19.21 10.07 30.30
CA ARG B 314 20.40 9.23 30.26
C ARG B 314 21.56 9.96 29.57
N ASP B 315 21.29 10.65 28.46
CA ASP B 315 22.35 11.38 27.79
C ASP B 315 22.88 12.51 28.65
N LEU B 316 21.99 13.23 29.35
CA LEU B 316 22.43 14.28 30.26
C LEU B 316 23.24 13.71 31.41
N LEU B 317 22.89 12.50 31.86
CA LEU B 317 23.58 11.90 32.99
C LEU B 317 24.96 11.40 32.61
N GLN B 318 25.09 10.72 31.48
CA GLN B 318 26.34 10.08 31.10
C GLN B 318 27.45 11.07 30.81
N GLU B 319 27.11 12.32 30.52
CA GLU B 319 28.12 13.36 30.30
C GLU B 319 28.68 13.89 31.61
N TYR B 320 27.87 13.96 32.66
CA TYR B 320 28.29 14.55 33.91
C TYR B 320 29.14 13.62 34.76
N GLY B 321 29.12 12.33 34.43
CA GLY B 321 29.91 11.36 35.16
C GLY B 321 29.47 9.98 34.72
N ALA B 322 29.60 8.99 35.60
CA ALA B 322 29.12 7.65 35.27
C ALA B 322 28.13 7.13 36.31
N PRO B 323 27.05 7.90 36.60
CA PRO B 323 26.12 7.32 37.55
C PRO B 323 25.04 6.60 36.80
N ILE B 324 25.44 5.85 35.77
CA ILE B 324 24.46 5.17 34.95
C ILE B 324 24.70 3.67 34.96
N VAL B 325 23.62 2.89 34.94
CA VAL B 325 23.78 1.45 34.88
C VAL B 325 24.34 1.15 33.53
N ASP B 326 23.56 1.41 32.49
CA ASP B 326 24.01 1.17 31.14
C ASP B 326 22.90 1.71 30.26
N PRO B 327 23.25 2.57 29.29
CA PRO B 327 22.24 3.17 28.43
C PRO B 327 21.09 2.21 28.20
N ILE B 328 21.41 1.00 27.78
CA ILE B 328 20.39 -0.01 27.54
C ILE B 328 19.40 -0.10 28.69
N ASN B 329 19.91 -0.25 29.91
CA ASN B 329 19.00 -0.44 31.03
C ASN B 329 18.77 0.86 31.78
N ASP B 330 19.53 1.90 31.46
CA ASP B 330 19.18 3.23 31.95
C ASP B 330 17.82 3.64 31.42
N ILE B 331 17.63 3.50 30.10
CA ILE B 331 16.38 3.90 29.46
C ILE B 331 15.21 3.03 29.89
N ARG B 332 15.47 1.95 30.62
CA ARG B 332 14.42 1.12 31.21
C ARG B 332 14.12 1.47 32.66
N ILE B 333 15.15 1.56 33.51
CA ILE B 333 14.92 1.94 34.89
C ILE B 333 14.31 3.33 34.98
N ILE B 334 14.90 4.31 34.27
CA ILE B 334 14.39 5.67 34.30
C ILE B 334 12.97 5.72 33.75
N GLY B 335 12.73 5.01 32.65
CA GLY B 335 11.39 4.99 32.07
C GLY B 335 10.35 4.46 33.03
N VAL B 336 10.64 3.34 33.69
CA VAL B 336 9.67 2.76 34.61
C VAL B 336 9.42 3.68 35.80
N VAL B 337 10.47 4.25 36.38
CA VAL B 337 10.27 5.16 37.51
C VAL B 337 9.46 6.38 37.10
N SER B 338 9.77 6.95 35.92
CA SER B 338 9.05 8.14 35.47
C SER B 338 7.58 7.85 35.21
N VAL B 339 7.28 6.72 34.55
CA VAL B 339 5.88 6.44 34.28
C VAL B 339 5.14 6.15 35.57
N THR B 340 5.81 5.60 36.58
CA THR B 340 5.14 5.40 37.87
C THR B 340 4.86 6.74 38.57
N VAL B 341 5.78 7.69 38.47
CA VAL B 341 5.53 9.00 39.06
C VAL B 341 4.37 9.71 38.35
N LEU B 342 4.33 9.62 37.02
CA LEU B 342 3.20 10.18 36.29
C LEU B 342 1.89 9.50 36.67
N LEU B 343 1.93 8.18 36.88
CA LEU B 343 0.73 7.47 37.32
C LEU B 343 0.26 7.96 38.68
N ALA B 344 1.18 8.18 39.61
CA ALA B 344 0.80 8.70 40.92
C ALA B 344 0.14 10.06 40.80
N ILE B 345 0.75 10.96 40.01
CA ILE B 345 0.17 12.30 39.83
C ILE B 345 -1.24 12.19 39.27
N SER B 346 -1.43 11.37 38.22
CA SER B 346 -2.75 11.22 37.62
C SER B 346 -3.75 10.64 38.60
N LEU B 347 -3.33 9.66 39.40
CA LEU B 347 -4.22 8.95 40.28
C LEU B 347 -4.53 9.71 41.56
N ALA B 348 -3.85 10.84 41.78
CA ALA B 348 -4.13 11.69 42.94
C ALA B 348 -5.22 12.75 42.66
N GLY B 349 -5.81 12.74 41.47
CA GLY B 349 -6.90 13.65 41.14
C GLY B 349 -6.61 14.44 39.90
N MET B 350 -7.63 15.17 39.45
CA MET B 350 -7.53 16.04 38.29
C MET B 350 -6.86 17.38 38.58
N GLU B 351 -7.03 17.94 39.78
CA GLU B 351 -6.42 19.23 40.09
C GLU B 351 -4.91 19.16 40.03
N TRP B 352 -4.33 18.07 40.54
CA TRP B 352 -2.88 17.96 40.53
C TRP B 352 -2.34 17.77 39.12
N GLU B 353 -3.05 17.01 38.30
CA GLU B 353 -2.68 16.87 36.89
C GLU B 353 -2.74 18.21 36.18
N SER B 354 -3.77 19.01 36.47
CA SER B 354 -3.89 20.33 35.85
C SER B 354 -2.75 21.25 36.28
N LYS B 355 -2.38 21.23 37.56
CA LYS B 355 -1.26 22.05 38.01
C LYS B 355 0.04 21.62 37.37
N ALA B 356 0.27 20.31 37.23
CA ALA B 356 1.46 19.84 36.55
C ALA B 356 1.50 20.31 35.11
N GLN B 357 0.36 20.29 34.42
CA GLN B 357 0.32 20.76 33.04
C GLN B 357 0.61 22.25 32.94
N VAL B 358 0.10 23.04 33.88
CA VAL B 358 0.40 24.47 33.85
C VAL B 358 1.88 24.72 34.11
N LEU B 359 2.48 23.94 35.01
CA LEU B 359 3.92 24.05 35.23
C LEU B 359 4.69 23.76 33.94
N PHE B 360 4.30 22.71 33.23
CA PHE B 360 4.96 22.38 31.97
C PHE B 360 4.80 23.50 30.96
N PHE B 361 3.63 24.13 30.93
CA PHE B 361 3.40 25.24 29.99
C PHE B 361 4.34 26.41 30.27
N LEU B 362 4.47 26.81 31.54
CA LEU B 362 5.40 27.88 31.85
C LEU B 362 6.84 27.51 31.52
N VAL B 363 7.23 26.25 31.76
CA VAL B 363 8.60 25.85 31.41
C VAL B 363 8.85 25.98 29.91
N ILE B 364 7.88 25.56 29.09
CA ILE B 364 8.03 25.67 27.65
C ILE B 364 8.13 27.13 27.22
N MET B 365 7.29 28.00 27.78
CA MET B 365 7.35 29.42 27.41
C MET B 365 8.68 30.05 27.84
N VAL B 366 9.22 29.64 28.98
CA VAL B 366 10.51 30.17 29.39
C VAL B 366 11.60 29.73 28.43
N SER B 367 11.51 28.50 27.92
CA SER B 367 12.45 28.07 26.89
C SER B 367 12.32 28.89 25.61
N PHE B 368 11.08 29.20 25.20
CA PHE B 368 10.87 30.00 24.00
C PHE B 368 11.49 31.39 24.15
N ALA B 369 11.24 32.04 25.28
CA ALA B 369 11.81 33.36 25.51
C ALA B 369 13.32 33.30 25.59
N ASN B 370 13.86 32.23 26.18
CA ASN B 370 15.31 32.04 26.21
C ASN B 370 15.89 32.02 24.79
N TYR B 371 15.31 31.20 23.92
CA TYR B 371 15.81 31.11 22.56
C TYR B 371 15.70 32.43 21.83
N LEU B 372 14.55 33.10 21.97
CA LEU B 372 14.32 34.34 21.24
C LEU B 372 15.21 35.47 21.71
N VAL B 373 15.54 35.51 23.01
CA VAL B 373 16.55 36.44 23.48
C VAL B 373 17.94 36.07 22.98
N GLY B 374 18.26 34.78 22.93
CA GLY B 374 19.57 34.37 22.45
C GLY B 374 19.82 34.74 21.01
N THR B 375 18.78 34.72 20.17
CA THR B 375 19.02 35.05 18.76
C THR B 375 19.26 36.54 18.52
N LEU B 376 19.01 37.41 19.49
CA LEU B 376 19.15 38.85 19.29
C LEU B 376 20.45 39.39 19.89
N ILE B 377 21.33 38.51 20.33
CA ILE B 377 22.57 38.91 20.99
C ILE B 377 23.70 38.69 20.00
N PRO B 378 24.58 39.69 19.79
CA PRO B 378 25.63 39.55 18.77
C PRO B 378 26.50 38.34 19.04
N PRO B 379 26.92 37.63 17.99
CA PRO B 379 27.63 36.37 18.19
C PRO B 379 28.95 36.57 18.93
N SER B 380 29.30 35.57 19.72
CA SER B 380 30.63 35.45 20.28
C SER B 380 31.47 34.54 19.41
N GLU B 381 32.73 34.37 19.78
CA GLU B 381 33.63 33.56 18.98
C GLU B 381 33.13 32.13 18.88
N ASP B 382 32.66 31.57 19.99
CA ASP B 382 32.27 30.15 20.01
C ASP B 382 31.05 29.91 19.12
N LYS B 383 30.06 30.80 19.19
CA LYS B 383 28.84 30.58 18.42
C LYS B 383 29.05 30.90 16.95
N ALA B 384 29.83 31.94 16.64
CA ALA B 384 30.14 32.25 15.25
C ALA B 384 31.01 31.17 14.62
N SER B 385 31.80 30.48 15.43
CA SER B 385 32.65 29.41 14.91
C SER B 385 31.82 28.17 14.58
N LYS B 386 30.61 28.10 15.10
CA LYS B 386 29.73 26.97 14.84
C LYS B 386 28.61 27.30 13.87
N GLY B 387 28.50 28.54 13.42
CA GLY B 387 27.57 28.92 12.37
C GLY B 387 26.62 30.03 12.74
N PHE B 388 26.38 30.29 14.01
CA PHE B 388 25.38 31.28 14.41
C PHE B 388 25.92 32.67 14.15
N PHE B 389 25.30 33.37 13.23
CA PHE B 389 25.45 34.80 13.06
C PHE B 389 24.10 35.41 13.35
N SER B 390 24.09 36.67 13.75
CA SER B 390 22.82 37.26 14.18
C SER B 390 21.92 37.43 12.94
N TYR B 391 20.79 38.10 13.10
CA TYR B 391 19.90 38.28 11.96
C TYR B 391 20.61 38.98 10.82
N ARG B 392 20.86 38.24 9.73
CA ARG B 392 21.52 38.78 8.55
C ARG B 392 20.60 38.62 7.35
N ALA B 393 20.69 39.57 6.42
CA ALA B 393 19.89 39.52 5.21
C ALA B 393 20.42 38.54 4.18
N ASP B 394 21.75 38.36 4.09
CA ASP B 394 22.29 37.42 3.13
C ASP B 394 21.84 36.00 3.43
N ILE B 395 21.79 35.63 4.71
CA ILE B 395 21.44 34.27 5.11
C ILE B 395 19.98 33.96 4.85
N PHE B 396 19.09 34.94 5.01
CA PHE B 396 17.69 34.70 4.70
C PHE B 396 17.50 34.32 3.24
N VAL B 397 18.16 35.06 2.33
CA VAL B 397 17.99 34.82 0.90
C VAL B 397 18.66 33.52 0.49
N GLN B 398 19.87 33.26 0.99
CA GLN B 398 20.61 32.06 0.59
C GLN B 398 19.93 30.78 1.05
N ASN B 399 18.97 30.88 1.96
CA ASN B 399 18.48 29.70 2.67
C ASN B 399 16.98 29.55 2.47
N LEU B 400 16.41 30.17 1.43
CA LEU B 400 14.99 30.03 1.12
C LEU B 400 14.69 28.82 0.25
N VAL B 401 15.69 28.32 -0.48
CA VAL B 401 15.49 27.28 -1.47
C VAL B 401 16.08 25.97 -0.95
N PRO B 402 15.60 24.82 -1.42
CA PRO B 402 16.07 23.55 -0.86
C PRO B 402 17.54 23.29 -1.09
N ASP B 403 18.07 22.38 -0.26
CA ASP B 403 19.38 21.76 -0.47
C ASP B 403 19.31 20.36 0.12
N TRP B 404 18.91 19.40 -0.70
CA TRP B 404 18.70 18.05 -0.21
C TRP B 404 20.02 17.30 -0.11
N ARG B 405 20.22 16.62 1.01
CA ARG B 405 21.43 15.83 1.25
C ARG B 405 21.03 14.53 1.91
N GLY B 406 21.89 13.53 1.76
CA GLY B 406 21.70 12.28 2.46
C GLY B 406 20.66 11.38 1.83
N PRO B 407 20.49 10.19 2.38
CA PRO B 407 19.56 9.22 1.79
C PRO B 407 18.11 9.44 2.16
N ASP B 408 17.82 10.37 3.07
CA ASP B 408 16.47 10.58 3.54
C ASP B 408 15.97 11.98 3.22
N GLY B 409 16.78 12.80 2.58
CA GLY B 409 16.45 14.19 2.32
C GLY B 409 15.58 14.42 1.10
N THR B 410 14.29 14.17 1.22
CA THR B 410 13.34 14.45 0.15
C THR B 410 12.03 14.91 0.75
N PHE B 411 11.23 15.60 -0.06
CA PHE B 411 9.99 16.21 0.42
C PHE B 411 9.10 15.18 1.10
N PHE B 412 9.01 13.97 0.54
CA PHE B 412 8.25 12.92 1.18
C PHE B 412 8.86 12.54 2.53
N GLY B 413 10.18 12.49 2.61
CA GLY B 413 10.82 12.17 3.88
C GLY B 413 10.54 13.21 4.95
N MET B 414 10.55 14.48 4.57
CA MET B 414 10.30 15.53 5.55
C MET B 414 8.84 15.58 5.97
N PHE B 415 7.93 15.29 5.04
CA PHE B 415 6.53 15.12 5.42
C PHE B 415 6.38 13.95 6.39
N SER B 416 7.10 12.86 6.16
CA SER B 416 7.00 11.71 7.05
C SER B 416 7.53 12.03 8.44
N ILE B 417 8.58 12.85 8.52
CA ILE B 417 9.10 13.24 9.83
C ILE B 417 8.12 14.17 10.55
N PHE B 418 7.58 15.16 9.85
CA PHE B 418 6.84 16.22 10.53
C PHE B 418 5.38 15.88 10.79
N PHE B 419 4.70 15.22 9.85
CA PHE B 419 3.25 15.12 9.97
C PHE B 419 2.79 14.44 11.25
N PRO B 420 3.32 13.27 11.66
CA PRO B 420 2.81 12.63 12.87
C PRO B 420 2.96 13.46 14.12
N SER B 421 3.86 14.45 14.12
CA SER B 421 4.09 15.31 15.27
C SER B 421 3.30 16.61 15.18
N ALA B 422 2.22 16.63 14.40
CA ALA B 422 1.28 17.74 14.39
C ALA B 422 -0.07 17.34 14.93
N THR B 423 -0.33 16.06 15.10
CA THR B 423 -1.57 15.57 15.66
C THR B 423 -1.49 15.54 17.19
N GLY B 424 -2.63 15.38 17.82
CA GLY B 424 -2.70 15.51 19.25
C GLY B 424 -3.78 16.49 19.61
N ILE B 425 -4.60 16.82 18.62
CA ILE B 425 -5.64 17.84 18.77
C ILE B 425 -6.86 17.35 19.51
N LEU B 426 -6.88 16.09 19.94
CA LEU B 426 -8.02 15.50 20.61
C LEU B 426 -7.82 15.40 22.12
N ALA B 427 -6.80 16.07 22.67
CA ALA B 427 -6.55 15.94 24.09
C ALA B 427 -7.55 16.70 24.94
N GLY B 428 -8.22 17.69 24.38
CA GLY B 428 -9.20 18.46 25.12
C GLY B 428 -10.61 17.98 24.93
N ALA B 429 -10.85 17.22 23.88
CA ALA B 429 -12.16 16.60 23.64
C ALA B 429 -12.33 15.27 24.34
N ASN B 430 -11.24 14.71 24.87
CA ASN B 430 -11.33 13.44 25.58
C ASN B 430 -11.86 13.62 27.00
N ILE B 431 -11.76 14.84 27.52
CA ILE B 431 -12.22 15.13 28.87
C ILE B 431 -13.40 16.07 28.80
N SER B 432 -14.21 15.96 27.74
CA SER B 432 -15.36 16.82 27.55
C SER B 432 -16.41 16.69 28.62
N GLY B 433 -16.24 15.79 29.59
CA GLY B 433 -17.15 15.68 30.70
C GLY B 433 -16.68 16.34 31.96
N ASP B 434 -15.53 17.00 31.94
CA ASP B 434 -14.98 17.71 33.08
C ASP B 434 -14.90 19.20 32.84
N LEU B 435 -15.54 19.70 31.79
CA LEU B 435 -15.49 21.12 31.44
C LEU B 435 -16.76 21.81 31.90
N LYS B 436 -16.69 23.14 31.96
CA LYS B 436 -17.83 23.91 32.44
C LYS B 436 -18.92 24.05 31.39
N ASP B 437 -18.56 24.09 30.11
CA ASP B 437 -19.54 24.07 29.03
C ASP B 437 -18.88 23.60 27.75
N PRO B 438 -18.86 22.30 27.47
CA PRO B 438 -18.09 21.79 26.33
C PRO B 438 -18.47 22.41 25.00
N ALA B 439 -19.72 22.80 24.80
CA ALA B 439 -20.18 23.27 23.50
C ALA B 439 -19.57 24.61 23.10
N ILE B 440 -18.94 25.33 24.02
CA ILE B 440 -18.29 26.59 23.69
C ILE B 440 -16.80 26.44 23.94
N ALA B 441 -16.44 25.59 24.89
CA ALA B 441 -15.05 25.44 25.29
C ALA B 441 -14.25 24.63 24.28
N ILE B 442 -14.85 23.62 23.67
CA ILE B 442 -14.07 22.71 22.82
C ILE B 442 -13.78 23.33 21.45
N PRO B 443 -14.75 23.93 20.74
CA PRO B 443 -14.40 24.57 19.47
C PRO B 443 -13.36 25.66 19.61
N LYS B 444 -13.59 26.64 20.50
CA LYS B 444 -12.67 27.76 20.66
C LYS B 444 -11.30 27.29 21.11
N GLY B 445 -11.26 26.45 22.15
CA GLY B 445 -9.98 25.99 22.66
C GLY B 445 -9.19 25.20 21.64
N THR B 446 -9.85 24.24 20.98
CA THR B 446 -9.16 23.41 20.01
C THR B 446 -8.65 24.21 18.83
N LEU B 447 -9.46 25.13 18.30
CA LEU B 447 -9.03 25.86 17.13
C LEU B 447 -7.96 26.90 17.45
N MET B 448 -8.01 27.54 18.62
CA MET B 448 -6.92 28.45 18.96
C MET B 448 -5.64 27.70 19.32
N ALA B 449 -5.76 26.48 19.87
CA ALA B 449 -4.58 25.66 20.06
C ALA B 449 -3.89 25.38 18.73
N ILE B 450 -4.68 24.96 17.74
CA ILE B 450 -4.10 24.70 16.41
C ILE B 450 -3.47 25.98 15.85
N PHE B 451 -4.16 27.11 15.98
CA PHE B 451 -3.67 28.36 15.42
C PHE B 451 -2.34 28.79 16.03
N TRP B 452 -2.27 28.83 17.36
CA TRP B 452 -1.05 29.32 18.00
C TRP B 452 0.10 28.34 17.88
N THR B 453 -0.18 27.04 17.90
CA THR B 453 0.87 26.07 17.64
C THR B 453 1.45 26.25 16.23
N THR B 454 0.59 26.50 15.24
CA THR B 454 1.07 26.73 13.88
C THR B 454 1.89 28.01 13.78
N ILE B 455 1.48 29.06 14.49
CA ILE B 455 2.27 30.30 14.47
C ILE B 455 3.65 30.06 15.07
N SER B 456 3.73 29.30 16.15
CA SER B 456 5.04 28.98 16.71
C SER B 456 5.90 28.17 15.75
N TYR B 457 5.30 27.18 15.08
CA TYR B 457 6.04 26.39 14.11
C TYR B 457 6.57 27.24 12.96
N LEU B 458 5.78 28.21 12.49
CA LEU B 458 6.26 29.07 11.42
C LEU B 458 7.35 30.02 11.89
N ALA B 459 7.17 30.63 13.06
CA ALA B 459 8.14 31.61 13.55
C ALA B 459 9.48 30.97 13.84
N ILE B 460 9.50 29.77 14.42
CA ILE B 460 10.77 29.14 14.76
C ILE B 460 11.55 28.82 13.50
N SER B 461 10.90 28.24 12.49
CA SER B 461 11.62 27.91 11.26
C SER B 461 12.10 29.17 10.56
N ALA B 462 11.26 30.20 10.46
CA ALA B 462 11.70 31.43 9.80
C ALA B 462 12.84 32.12 10.52
N THR B 463 12.82 32.20 11.85
CA THR B 463 13.90 32.89 12.55
C THR B 463 15.17 32.04 12.67
N ILE B 464 15.06 30.72 12.74
CA ILE B 464 16.27 29.91 12.73
C ILE B 464 16.90 29.91 11.35
N GLY B 465 16.10 30.01 10.28
CA GLY B 465 16.65 29.96 8.95
C GLY B 465 17.35 31.20 8.50
N SER B 466 17.24 32.29 9.25
CA SER B 466 17.89 33.54 8.89
C SER B 466 18.99 33.93 9.86
N CYS B 467 19.56 32.97 10.58
CA CYS B 467 20.63 33.22 11.54
C CYS B 467 21.82 32.28 11.39
N VAL B 468 21.59 31.02 11.05
CA VAL B 468 22.63 30.00 11.02
C VAL B 468 22.79 29.50 9.59
N VAL B 469 24.03 29.42 9.13
CA VAL B 469 24.34 28.90 7.81
C VAL B 469 24.30 27.39 7.90
N ARG B 470 24.25 26.74 6.77
CA ARG B 470 24.09 25.30 6.75
C ARG B 470 25.36 24.47 6.93
N ASP B 471 26.54 25.08 6.88
CA ASP B 471 27.78 24.35 7.08
C ASP B 471 28.73 25.22 7.90
N ALA B 472 29.30 24.65 8.94
CA ALA B 472 30.30 25.35 9.73
C ALA B 472 31.19 24.33 10.42
N SER B 473 32.45 24.70 10.59
CA SER B 473 33.49 23.77 11.03
C SER B 473 33.37 23.46 12.51
N GLY B 474 33.50 24.47 13.36
CA GLY B 474 33.34 24.26 14.78
C GLY B 474 34.53 24.71 15.60
N VAL B 475 35.67 24.87 14.97
CA VAL B 475 36.89 25.24 15.66
C VAL B 475 37.20 26.71 15.39
N LEU B 476 37.72 27.39 16.41
CA LEU B 476 37.98 28.83 16.34
C LEU B 476 39.18 29.18 15.48
N ASN B 477 39.89 28.20 14.93
CA ASN B 477 41.07 28.45 14.13
C ASN B 477 40.78 28.54 12.63
N ASP B 478 39.59 29.00 12.26
CA ASP B 478 39.21 29.14 10.86
C ASP B 478 38.76 30.54 10.50
N THR B 479 39.31 31.56 11.15
CA THR B 479 39.01 32.92 10.73
C THR B 479 39.76 33.24 9.43
N VAL B 480 39.26 34.25 8.72
CA VAL B 480 39.84 34.60 7.43
C VAL B 480 41.27 35.07 7.62
N THR B 481 42.18 34.49 6.86
CA THR B 481 43.58 34.88 6.90
C THR B 481 43.85 35.96 5.86
N PRO B 482 44.52 37.04 6.22
CA PRO B 482 44.96 38.01 5.20
C PRO B 482 46.10 37.45 4.36
N GLY B 483 45.88 37.33 3.05
CA GLY B 483 46.86 36.73 2.17
C GLY B 483 46.63 35.26 1.86
N TRP B 484 45.48 34.71 2.24
CA TRP B 484 45.17 33.30 1.97
C TRP B 484 44.42 33.17 0.66
N GLY B 485 44.94 33.79 -0.40
CA GLY B 485 44.30 33.71 -1.71
C GLY B 485 42.83 34.11 -1.68
N ALA B 486 41.96 33.14 -1.89
CA ALA B 486 40.52 33.35 -1.87
C ALA B 486 39.85 32.20 -1.13
N CYS B 487 38.63 32.46 -0.66
CA CYS B 487 37.82 31.47 0.01
C CYS B 487 36.41 31.47 -0.57
N GLU B 488 35.79 30.29 -0.58
CA GLU B 488 34.45 30.10 -1.09
C GLU B 488 33.48 29.94 0.07
N GLY B 489 32.32 30.58 -0.03
CA GLY B 489 31.32 30.46 1.02
C GLY B 489 30.69 31.78 1.39
N LEU B 490 29.49 31.72 1.98
CA LEU B 490 28.80 32.95 2.34
C LEU B 490 29.42 33.60 3.57
N ALA B 491 29.81 32.81 4.56
CA ALA B 491 30.31 33.36 5.81
C ALA B 491 31.67 34.04 5.67
N CYS B 492 32.35 33.85 4.54
CA CYS B 492 33.65 34.51 4.33
C CYS B 492 33.55 36.02 4.51
N SER B 493 32.39 36.60 4.15
CA SER B 493 32.17 38.02 4.34
C SER B 493 32.05 38.42 5.81
N TYR B 494 31.95 37.44 6.72
CA TYR B 494 31.88 37.71 8.15
C TYR B 494 33.18 37.45 8.88
N GLY B 495 34.11 36.71 8.28
CA GLY B 495 35.40 36.51 8.89
C GLY B 495 35.70 35.06 9.22
N TRP B 496 35.02 34.13 8.58
CA TRP B 496 35.18 32.71 8.87
C TRP B 496 35.31 31.93 7.58
N ASN B 497 35.98 30.78 7.67
CA ASN B 497 36.49 30.05 6.51
C ASN B 497 36.10 28.58 6.66
N PHE B 498 35.08 28.16 5.93
CA PHE B 498 34.59 26.79 6.04
C PHE B 498 34.70 26.03 4.72
N THR B 499 35.74 26.33 3.93
CA THR B 499 35.88 25.71 2.61
C THR B 499 36.17 24.22 2.72
N GLU B 500 36.90 23.81 3.75
CA GLU B 500 37.29 22.41 3.87
C GLU B 500 36.08 21.50 4.10
N CYS B 501 35.11 21.95 4.90
CA CYS B 501 33.84 21.24 5.00
C CYS B 501 33.25 20.96 3.63
N THR B 502 33.00 22.02 2.87
CA THR B 502 32.34 21.87 1.57
C THR B 502 33.15 20.99 0.63
N GLN B 503 34.48 21.09 0.69
CA GLN B 503 35.31 20.23 -0.16
C GLN B 503 35.18 18.77 0.25
N GLN B 504 35.18 18.47 1.54
CA GLN B 504 35.25 17.09 1.99
C GLN B 504 33.92 16.53 2.49
N HIS B 505 32.94 17.38 2.79
CA HIS B 505 31.66 16.94 3.37
C HIS B 505 31.86 16.21 4.69
N SER B 506 32.77 16.72 5.53
CA SER B 506 33.25 15.95 6.67
C SER B 506 33.31 16.80 7.93
N CYS B 507 32.25 17.55 8.24
CA CYS B 507 32.20 18.27 9.50
C CYS B 507 30.82 18.16 10.12
N HIS B 508 30.74 18.53 11.40
CA HIS B 508 29.65 18.13 12.26
C HIS B 508 28.85 19.28 12.84
N TYR B 509 29.01 20.50 12.33
CA TYR B 509 28.29 21.65 12.86
C TYR B 509 27.62 22.41 11.74
N GLY B 510 26.65 23.22 12.11
CA GLY B 510 25.82 23.95 11.16
C GLY B 510 24.40 23.44 11.18
N LEU B 511 23.53 24.20 10.51
CA LEU B 511 22.10 23.96 10.59
C LEU B 511 21.71 22.58 10.06
N ILE B 512 22.49 22.03 9.14
CA ILE B 512 22.11 20.80 8.46
C ILE B 512 22.80 19.56 9.00
N ASN B 513 23.88 19.72 9.77
CA ASN B 513 24.63 18.58 10.28
C ASN B 513 24.49 18.38 11.77
N TYR B 514 24.12 19.41 12.53
CA TYR B 514 24.10 19.35 13.97
C TYR B 514 22.67 19.50 14.48
N TYR B 515 22.16 18.47 15.16
CA TYR B 515 20.76 18.40 15.54
C TYR B 515 20.41 19.29 16.72
N GLN B 516 21.40 19.83 17.43
CA GLN B 516 21.15 20.63 18.61
C GLN B 516 21.58 22.08 18.40
N THR B 517 21.23 22.63 17.24
CA THR B 517 21.53 24.03 16.96
C THR B 517 20.75 24.95 17.89
N MET B 518 19.50 24.60 18.19
CA MET B 518 18.65 25.47 18.99
C MET B 518 19.19 25.68 20.39
N SER B 519 19.86 24.68 20.96
CA SER B 519 20.54 24.83 22.24
C SER B 519 21.77 25.70 22.15
N MET B 520 22.48 25.67 21.03
CA MET B 520 23.63 26.53 20.82
C MET B 520 23.25 27.99 20.67
N VAL B 521 22.17 28.29 19.95
CA VAL B 521 21.79 29.69 19.73
C VAL B 521 21.34 30.36 21.02
N SER B 522 20.70 29.60 21.92
CA SER B 522 20.03 30.15 23.09
C SER B 522 21.01 30.82 24.05
N GLY B 523 20.49 31.78 24.81
CA GLY B 523 21.32 32.49 25.76
C GLY B 523 21.91 31.59 26.84
N PHE B 524 21.07 30.79 27.46
CA PHE B 524 21.50 29.80 28.45
C PHE B 524 20.92 28.45 28.05
N ALA B 525 21.79 27.46 27.96
CA ALA B 525 21.46 26.18 27.33
C ALA B 525 20.59 25.24 28.17
N PRO B 526 20.76 25.14 29.48
CA PRO B 526 19.93 24.20 30.25
C PRO B 526 18.44 24.46 30.19
N LEU B 527 18.01 25.68 29.88
CA LEU B 527 16.58 25.93 29.78
C LEU B 527 15.98 25.27 28.54
N ILE B 528 16.79 25.01 27.52
CA ILE B 528 16.27 24.24 26.39
C ILE B 528 16.04 22.79 26.78
N THR B 529 16.93 22.23 27.60
CA THR B 529 16.71 20.87 28.09
C THR B 529 15.50 20.81 29.02
N ALA B 530 15.30 21.86 29.82
CA ALA B 530 14.08 21.94 30.62
C ALA B 530 12.84 22.00 29.74
N GLY B 531 12.92 22.74 28.64
CA GLY B 531 11.81 22.74 27.69
C GLY B 531 11.56 21.36 27.09
N ILE B 532 12.62 20.61 26.82
CA ILE B 532 12.45 19.27 26.28
C ILE B 532 11.77 18.36 27.30
N PHE B 533 12.17 18.48 28.57
CA PHE B 533 11.50 17.70 29.63
C PHE B 533 10.02 18.04 29.69
N GLY B 534 9.69 19.33 29.70
CA GLY B 534 8.30 19.74 29.77
C GLY B 534 7.51 19.38 28.52
N ALA B 535 8.19 19.19 27.40
CA ALA B 535 7.50 18.82 26.17
C ALA B 535 7.23 17.32 26.11
N THR B 536 8.13 16.49 26.61
CA THR B 536 7.89 15.05 26.56
C THR B 536 6.99 14.57 27.71
N LEU B 537 7.21 15.07 28.92
CA LEU B 537 6.43 14.61 30.05
C LEU B 537 4.97 15.05 29.94
N SER B 538 4.73 16.24 29.39
CA SER B 538 3.36 16.71 29.24
C SER B 538 2.59 15.88 28.21
N SER B 539 3.24 15.51 27.12
CA SER B 539 2.59 14.63 26.14
C SER B 539 2.34 13.26 26.72
N ALA B 540 3.28 12.73 27.50
CA ALA B 540 3.04 11.43 28.15
C ALA B 540 1.88 11.52 29.14
N LEU B 541 1.78 12.60 29.90
CA LEU B 541 0.68 12.76 30.84
C LEU B 541 -0.65 12.92 30.13
N ALA B 542 -0.69 13.68 29.04
CA ALA B 542 -1.92 13.81 28.28
C ALA B 542 -2.36 12.48 27.70
N CYS B 543 -1.42 11.69 27.18
CA CYS B 543 -1.79 10.39 26.64
C CYS B 543 -2.22 9.42 27.73
N LEU B 544 -1.64 9.51 28.93
CA LEU B 544 -2.06 8.63 30.01
C LEU B 544 -3.44 8.98 30.51
N VAL B 545 -3.79 10.26 30.56
CA VAL B 545 -5.14 10.64 30.97
C VAL B 545 -6.13 10.30 29.87
N SER B 546 -5.73 10.41 28.60
CA SER B 546 -6.63 10.08 27.51
C SER B 546 -6.92 8.60 27.40
N ALA B 547 -5.91 7.74 27.56
CA ALA B 547 -6.12 6.31 27.45
C ALA B 547 -6.90 5.73 28.61
N ALA B 548 -6.89 6.39 29.76
CA ALA B 548 -7.65 5.92 30.91
C ALA B 548 -9.14 6.18 30.77
N LYS B 549 -9.52 7.35 30.26
CA LYS B 549 -10.92 7.71 30.16
C LYS B 549 -11.62 7.09 28.96
N VAL B 550 -10.89 6.46 28.05
CA VAL B 550 -11.48 5.67 26.99
C VAL B 550 -11.64 4.21 27.38
N PHE B 551 -10.63 3.63 28.01
CA PHE B 551 -10.78 2.33 28.65
C PHE B 551 -11.91 2.33 29.68
N GLN B 552 -12.03 3.38 30.48
CA GLN B 552 -13.07 3.39 31.50
C GLN B 552 -14.46 3.52 30.89
N CYS B 553 -14.57 4.15 29.72
CA CYS B 553 -15.85 4.22 29.03
C CYS B 553 -16.17 2.92 28.29
N LEU B 554 -15.16 2.22 27.79
CA LEU B 554 -15.36 0.95 27.12
C LEU B 554 -15.67 -0.17 28.10
N CYS B 555 -15.19 -0.06 29.33
CA CYS B 555 -15.56 -1.02 30.37
C CYS B 555 -16.99 -0.83 30.86
N GLU B 556 -17.57 0.35 30.67
CA GLU B 556 -18.93 0.63 31.10
C GLU B 556 -19.90 0.73 29.93
N ASP B 557 -19.50 0.26 28.75
CA ASP B 557 -20.33 0.37 27.56
C ASP B 557 -21.14 -0.91 27.39
N GLN B 558 -22.46 -0.77 27.40
CA GLN B 558 -23.34 -1.93 27.36
C GLN B 558 -23.45 -2.55 25.97
N LEU B 559 -23.26 -1.76 24.92
CA LEU B 559 -23.37 -2.25 23.55
C LEU B 559 -22.06 -2.77 22.99
N TYR B 560 -20.96 -2.66 23.73
CA TYR B 560 -19.68 -3.27 23.37
C TYR B 560 -19.15 -4.04 24.56
N PRO B 561 -19.60 -5.27 24.75
CA PRO B 561 -19.25 -6.02 25.95
C PRO B 561 -17.98 -6.83 25.86
N LEU B 562 -17.10 -6.53 24.90
CA LEU B 562 -15.90 -7.37 24.73
C LEU B 562 -15.03 -7.36 25.98
N ILE B 563 -14.71 -6.19 26.52
CA ILE B 563 -13.81 -6.12 27.67
C ILE B 563 -14.53 -5.56 28.88
N GLY B 564 -15.83 -5.75 28.97
CA GLY B 564 -16.54 -5.28 30.13
C GLY B 564 -16.31 -6.08 31.40
N PHE B 565 -15.46 -7.08 31.35
CA PHE B 565 -15.20 -7.98 32.48
C PHE B 565 -14.05 -7.51 33.37
N PHE B 566 -13.36 -6.42 33.00
CA PHE B 566 -12.08 -6.10 33.63
C PHE B 566 -12.20 -5.64 35.08
N GLY B 567 -13.37 -5.20 35.52
CA GLY B 567 -13.48 -4.57 36.82
C GLY B 567 -13.88 -5.48 37.98
N LYS B 568 -13.07 -5.46 39.03
CA LYS B 568 -13.34 -6.22 40.25
C LYS B 568 -13.60 -5.34 41.45
N GLY B 569 -12.72 -4.38 41.72
CA GLY B 569 -12.92 -3.46 42.83
C GLY B 569 -13.77 -2.26 42.41
N TYR B 570 -14.46 -1.68 43.39
CA TYR B 570 -15.33 -0.53 43.10
C TYR B 570 -14.52 0.68 42.68
N GLY B 571 -13.50 1.05 43.45
CA GLY B 571 -12.71 2.23 43.13
C GLY B 571 -13.54 3.50 43.08
N LYS B 572 -14.54 3.59 43.96
CA LYS B 572 -15.50 4.71 43.92
C LYS B 572 -14.86 5.92 44.59
N ASN B 573 -13.94 6.54 43.86
CA ASN B 573 -13.30 7.78 44.27
C ASN B 573 -13.29 8.78 43.12
N LYS B 574 -14.23 8.64 42.19
CA LYS B 574 -14.36 9.52 41.03
C LYS B 574 -13.09 9.53 40.19
N GLU B 575 -12.44 8.37 40.09
CA GLU B 575 -11.27 8.20 39.26
C GLU B 575 -11.36 6.89 38.50
N PRO B 576 -10.95 6.87 37.23
CA PRO B 576 -10.94 5.62 36.45
C PRO B 576 -9.80 4.69 36.84
N VAL B 577 -9.92 4.05 38.01
CA VAL B 577 -8.82 3.25 38.52
C VAL B 577 -8.55 2.05 37.62
N ARG B 578 -9.61 1.35 37.19
CA ARG B 578 -9.44 0.19 36.32
C ARG B 578 -9.16 0.58 34.88
N GLY B 579 -9.09 1.87 34.58
CA GLY B 579 -8.65 2.32 33.29
C GLY B 579 -7.26 2.90 33.38
N TYR B 580 -6.87 3.32 34.59
CA TYR B 580 -5.50 3.76 34.81
C TYR B 580 -4.55 2.58 34.90
N LEU B 581 -4.98 1.50 35.56
CA LEU B 581 -4.10 0.35 35.70
C LEU B 581 -3.92 -0.39 34.37
N LEU B 582 -4.97 -0.46 33.56
CA LEU B 582 -4.86 -1.08 32.24
C LEU B 582 -3.92 -0.31 31.33
N ALA B 583 -3.94 1.02 31.36
CA ALA B 583 -3.01 1.81 30.57
C ALA B 583 -1.60 1.74 31.11
N TYR B 584 -1.46 1.67 32.44
CA TYR B 584 -0.15 1.54 33.06
C TYR B 584 0.51 0.22 32.67
N ALA B 585 -0.26 -0.86 32.58
CA ALA B 585 0.31 -2.15 32.21
C ALA B 585 0.87 -2.12 30.79
N ILE B 586 0.13 -1.59 29.82
CA ILE B 586 0.61 -1.52 28.45
C ILE B 586 1.82 -0.59 28.36
N ALA B 587 1.79 0.53 29.06
CA ALA B 587 2.92 1.45 29.02
C ALA B 587 4.18 0.78 29.55
N VAL B 588 4.08 0.07 30.68
CA VAL B 588 5.25 -0.59 31.24
C VAL B 588 5.73 -1.72 30.33
N ALA B 589 4.80 -2.47 29.75
CA ALA B 589 5.18 -3.56 28.85
C ALA B 589 5.97 -3.04 27.65
N PHE B 590 5.58 -1.90 27.09
CA PHE B 590 6.31 -1.36 25.95
C PHE B 590 7.53 -0.54 26.35
N ILE B 591 7.64 -0.13 27.61
CA ILE B 591 8.87 0.49 28.07
C ILE B 591 9.96 -0.56 28.35
N ILE B 592 9.57 -1.77 28.77
CA ILE B 592 10.56 -2.84 28.93
C ILE B 592 11.24 -3.16 27.61
N ILE B 593 10.47 -3.19 26.52
CA ILE B 593 11.04 -3.46 25.20
C ILE B 593 12.04 -2.38 24.81
N ALA B 594 11.68 -1.13 25.06
CA ALA B 594 12.61 0.00 25.10
C ALA B 594 13.17 0.43 23.75
N GLU B 595 12.82 -0.26 22.68
CA GLU B 595 13.26 0.14 21.33
C GLU B 595 12.07 0.02 20.40
N LEU B 596 11.47 1.18 20.07
CA LEU B 596 10.14 1.26 19.51
C LEU B 596 10.10 2.00 18.19
N ASN B 597 11.22 2.11 17.48
CA ASN B 597 11.23 2.82 16.21
C ASN B 597 10.61 2.03 15.06
N THR B 598 10.39 0.73 15.24
CA THR B 598 9.75 -0.08 14.22
C THR B 598 8.27 -0.30 14.47
N ILE B 599 7.83 -0.16 15.71
CA ILE B 599 6.40 -0.19 16.05
C ILE B 599 5.73 1.15 15.78
N ALA B 600 6.51 2.21 15.59
CA ALA B 600 5.95 3.54 15.45
C ALA B 600 4.99 3.71 14.28
N PRO B 601 5.28 3.24 13.05
CA PRO B 601 4.31 3.44 11.96
C PRO B 601 2.96 2.79 12.21
N ILE B 602 2.93 1.62 12.85
CA ILE B 602 1.67 0.96 13.12
C ILE B 602 0.84 1.78 14.10
N ILE B 603 1.49 2.25 15.17
CA ILE B 603 0.78 3.06 16.16
C ILE B 603 0.32 4.37 15.56
N SER B 604 1.11 4.94 14.67
CA SER B 604 0.74 6.19 14.05
C SER B 604 -0.38 6.05 13.04
N ASN B 605 -0.55 4.87 12.45
CA ASN B 605 -1.70 4.61 11.60
C ASN B 605 -2.94 4.22 12.38
N PHE B 606 -2.78 3.68 13.59
CA PHE B 606 -3.92 3.50 14.48
C PHE B 606 -4.63 4.81 14.79
N PHE B 607 -3.93 5.94 14.62
CA PHE B 607 -4.50 7.25 14.89
C PHE B 607 -5.15 7.88 13.68
N LEU B 608 -4.67 7.58 12.47
CA LEU B 608 -5.33 8.02 11.25
C LEU B 608 -6.53 7.17 10.90
N CYS B 609 -6.58 5.91 11.34
CA CYS B 609 -7.81 5.13 11.24
C CYS B 609 -8.96 5.78 12.02
N SER B 610 -8.67 6.50 13.09
CA SER B 610 -9.70 7.20 13.85
C SER B 610 -10.08 8.52 13.22
N TYR B 611 -9.12 9.24 12.66
CA TYR B 611 -9.42 10.47 11.92
C TYR B 611 -10.35 10.18 10.75
N ALA B 612 -10.03 9.15 9.97
CA ALA B 612 -10.84 8.82 8.81
C ALA B 612 -12.27 8.48 9.21
N LEU B 613 -12.45 7.68 10.26
CA LEU B 613 -13.79 7.26 10.65
C LEU B 613 -14.56 8.36 11.35
N ILE B 614 -13.91 9.25 12.12
CA ILE B 614 -14.62 10.39 12.68
C ILE B 614 -15.15 11.29 11.58
N ASN B 615 -14.29 11.63 10.60
CA ASN B 615 -14.73 12.50 9.52
C ASN B 615 -15.81 11.83 8.67
N PHE B 616 -15.65 10.56 8.34
CA PHE B 616 -16.66 9.90 7.53
C PHE B 616 -17.96 9.73 8.29
N SER B 617 -17.92 9.55 9.61
CA SER B 617 -19.17 9.45 10.34
C SER B 617 -19.91 10.78 10.38
N CYS B 618 -19.18 11.88 10.49
CA CYS B 618 -19.82 13.19 10.36
C CYS B 618 -20.50 13.35 9.00
N PHE B 619 -19.77 13.03 7.92
CA PHE B 619 -20.37 13.15 6.58
C PHE B 619 -21.57 12.23 6.42
N HIS B 620 -21.42 10.97 6.82
CA HIS B 620 -22.48 9.99 6.62
C HIS B 620 -23.73 10.35 7.41
N ALA B 621 -23.57 10.86 8.63
CA ALA B 621 -24.75 11.24 9.40
C ALA B 621 -25.40 12.49 8.86
N SER B 622 -24.64 13.42 8.30
CA SER B 622 -25.23 14.64 7.77
C SER B 622 -25.91 14.44 6.43
N ILE B 623 -25.35 13.63 5.53
CA ILE B 623 -26.02 13.44 4.24
C ILE B 623 -27.28 12.60 4.39
N THR B 624 -27.30 11.67 5.34
CA THR B 624 -28.40 10.73 5.54
C THR B 624 -29.54 11.35 6.34
N ASN B 625 -29.39 12.59 6.81
CA ASN B 625 -30.38 13.26 7.63
C ASN B 625 -30.71 12.41 8.85
N SER B 626 -29.66 11.99 9.55
CA SER B 626 -29.79 11.01 10.60
C SER B 626 -30.69 11.56 11.71
N PRO B 627 -31.45 10.70 12.38
CA PRO B 627 -32.42 11.19 13.38
C PRO B 627 -31.77 11.47 14.74
N GLY B 628 -31.21 12.67 14.86
CA GLY B 628 -30.62 13.07 16.11
C GLY B 628 -29.29 13.78 15.95
N TRP B 629 -28.78 13.83 14.74
CA TRP B 629 -27.53 14.52 14.43
C TRP B 629 -27.90 15.89 13.87
N ARG B 630 -27.86 16.90 14.75
CA ARG B 630 -28.23 18.26 14.39
C ARG B 630 -27.23 19.23 15.01
N PRO B 631 -26.02 19.31 14.47
CA PRO B 631 -25.02 20.21 15.05
C PRO B 631 -25.35 21.66 14.78
N SER B 632 -24.79 22.55 15.61
CA SER B 632 -24.99 23.98 15.47
C SER B 632 -23.69 24.75 15.25
N PHE B 633 -22.56 24.08 15.06
CA PHE B 633 -21.33 24.79 14.78
C PHE B 633 -21.44 25.44 13.41
N GLN B 634 -21.08 26.73 13.33
CA GLN B 634 -21.31 27.50 12.11
C GLN B 634 -20.44 27.01 10.96
N TYR B 635 -19.16 26.81 11.22
CA TYR B 635 -18.20 26.53 10.14
C TYR B 635 -17.98 25.03 10.01
N TYR B 636 -19.06 24.33 9.65
CA TYR B 636 -19.01 22.90 9.38
C TYR B 636 -19.71 22.64 8.07
N ASN B 637 -19.16 21.74 7.26
CA ASN B 637 -19.71 21.41 5.95
C ASN B 637 -19.45 19.94 5.64
N LYS B 638 -20.42 19.29 4.98
CA LYS B 638 -20.31 17.88 4.64
C LYS B 638 -19.03 17.58 3.86
N TRP B 639 -18.76 18.38 2.84
CA TRP B 639 -17.74 18.03 1.85
C TRP B 639 -16.34 18.24 2.40
N ALA B 640 -16.16 19.17 3.32
CA ALA B 640 -14.90 19.25 4.04
C ALA B 640 -14.64 17.99 4.84
N ALA B 641 -15.67 17.46 5.49
CA ALA B 641 -15.52 16.21 6.23
C ALA B 641 -15.21 15.04 5.30
N LEU B 642 -15.87 14.98 4.14
CA LEU B 642 -15.56 13.92 3.19
C LEU B 642 -14.13 14.02 2.70
N PHE B 643 -13.66 15.22 2.41
CA PHE B 643 -12.28 15.40 1.99
C PHE B 643 -11.31 14.96 3.07
N GLY B 644 -11.60 15.30 4.33
CA GLY B 644 -10.74 14.84 5.41
C GLY B 644 -10.70 13.34 5.54
N ALA B 645 -11.86 12.69 5.38
CA ALA B 645 -11.91 11.23 5.47
C ALA B 645 -11.12 10.57 4.36
N ILE B 646 -11.17 11.12 3.15
CA ILE B 646 -10.42 10.54 2.03
C ILE B 646 -8.92 10.77 2.23
N ILE B 647 -8.54 11.99 2.60
CA ILE B 647 -7.13 12.33 2.67
C ILE B 647 -6.44 11.62 3.82
N SER B 648 -7.17 11.30 4.89
CA SER B 648 -6.55 10.55 5.97
C SER B 648 -6.15 9.15 5.54
N VAL B 649 -6.98 8.45 4.76
CA VAL B 649 -6.63 7.13 4.26
C VAL B 649 -5.51 7.20 3.23
N VAL B 650 -5.58 8.20 2.34
CA VAL B 650 -4.50 8.36 1.38
C VAL B 650 -3.17 8.57 2.08
N ILE B 651 -3.15 9.38 3.14
CA ILE B 651 -1.91 9.61 3.88
C ILE B 651 -1.49 8.36 4.63
N MET B 652 -2.45 7.61 5.19
CA MET B 652 -2.14 6.34 5.84
C MET B 652 -1.32 5.45 4.94
N PHE B 653 -1.78 5.26 3.70
CA PHE B 653 -1.06 4.35 2.81
C PHE B 653 0.19 5.00 2.22
N LEU B 654 0.20 6.30 2.05
CA LEU B 654 1.36 6.98 1.48
C LEU B 654 2.54 7.01 2.44
N LEU B 655 2.27 6.95 3.75
CA LEU B 655 3.37 6.95 4.72
C LEU B 655 4.10 5.61 4.71
N THR B 656 3.38 4.51 4.95
CA THR B 656 3.95 3.17 4.88
C THR B 656 2.82 2.18 4.65
N TRP B 657 2.85 1.46 3.53
CA TRP B 657 1.67 0.69 3.13
C TRP B 657 1.47 -0.57 3.97
N TRP B 658 2.53 -1.25 4.37
CA TRP B 658 2.34 -2.47 5.14
C TRP B 658 1.87 -2.19 6.56
N ALA B 659 2.30 -1.07 7.14
CA ALA B 659 1.77 -0.65 8.43
C ALA B 659 0.29 -0.33 8.35
N ALA B 660 -0.14 0.30 7.26
CA ALA B 660 -1.57 0.54 7.05
C ALA B 660 -2.32 -0.76 6.90
N LEU B 661 -1.74 -1.74 6.21
CA LEU B 661 -2.41 -3.03 6.09
C LEU B 661 -2.53 -3.72 7.43
N ILE B 662 -1.50 -3.63 8.27
CA ILE B 662 -1.57 -4.24 9.60
C ILE B 662 -2.61 -3.55 10.47
N ALA B 663 -2.68 -2.22 10.41
CA ALA B 663 -3.70 -1.51 11.18
C ALA B 663 -5.11 -1.88 10.75
N ILE B 664 -5.36 -1.91 9.43
CA ILE B 664 -6.68 -2.26 8.94
C ILE B 664 -6.99 -3.73 9.23
N GLY B 665 -5.98 -4.60 9.19
CA GLY B 665 -6.22 -5.98 9.55
C GLY B 665 -6.59 -6.16 11.00
N VAL B 666 -5.96 -5.40 11.90
CA VAL B 666 -6.30 -5.48 13.32
C VAL B 666 -7.73 -4.98 13.55
N VAL B 667 -8.09 -3.85 12.94
CA VAL B 667 -9.45 -3.35 13.09
C VAL B 667 -10.45 -4.37 12.56
N LEU B 668 -10.16 -4.97 11.40
CA LEU B 668 -11.08 -5.95 10.83
C LEU B 668 -11.18 -7.21 11.66
N PHE B 669 -10.05 -7.67 12.23
CA PHE B 669 -10.11 -8.85 13.08
C PHE B 669 -11.01 -8.60 14.28
N LEU B 670 -10.88 -7.42 14.91
CA LEU B 670 -11.75 -7.12 16.04
C LEU B 670 -13.21 -7.06 15.60
N LEU B 671 -13.47 -6.36 14.50
CA LEU B 671 -14.84 -6.17 14.02
C LEU B 671 -15.49 -7.50 13.67
N LEU B 672 -14.73 -8.43 13.09
CA LEU B 672 -15.28 -9.71 12.65
C LEU B 672 -15.33 -10.72 13.78
N TYR B 673 -14.44 -10.62 14.76
CA TYR B 673 -14.56 -11.46 15.94
C TYR B 673 -15.76 -11.07 16.77
N VAL B 674 -16.19 -9.81 16.69
CA VAL B 674 -17.36 -9.39 17.45
C VAL B 674 -18.65 -9.79 16.73
N ILE B 675 -18.65 -9.81 15.40
CA ILE B 675 -19.85 -10.20 14.66
C ILE B 675 -20.11 -11.70 14.79
N TYR B 676 -19.06 -12.51 14.71
CA TYR B 676 -19.19 -13.96 14.82
C TYR B 676 -19.03 -14.43 16.27
N12 XZF C . -5.78 -12.54 -17.69
C15 XZF C . -5.51 -12.05 -16.31
C17 XZF C . -8.01 -12.95 -15.76
C20 XZF C . -9.60 -13.48 -17.42
C21 XZF C . -8.89 -13.46 -14.79
C22 XZF C . -10.45 -13.98 -16.47
C24 XZF C . -3.71 -8.86 -18.04
C16 XZF C . -8.36 -12.95 -17.03
C18 XZF C . -5.29 -10.60 -16.27
C19 XZF C . -4.77 -13.18 -18.51
C23 XZF C . -10.10 -13.97 -15.17
C25 XZF C . -4.47 -7.70 -17.41
F05 XZF C . -4.23 -7.73 -16.08
F06 XZF C . -4.03 -6.52 -17.92
F07 XZF C . -5.80 -7.81 -17.67
N13 XZF C . -6.63 -12.37 -15.30
N14 XZF C . -12.19 -14.77 -18.66
O08 XZF C . -7.45 -13.19 -19.35
O09 XZF C . -7.58 -10.94 -18.35
O10 XZF C . -13.12 -13.86 -16.42
O11 XZF C . -12.30 -15.92 -16.34
S02 XZF C . -7.29 -12.35 -18.18
S03 XZF C . -3.60 -10.20 -16.82
S04 XZF C . -12.05 -14.65 -16.97
CL01 XZF C . -11.19 -14.60 -13.92
NA NA D . -4.90 -18.13 -24.68
N12 XZF E . 1.31 11.89 18.95
C15 XZF E . 0.91 11.40 17.59
C17 XZF E . -1.61 11.56 18.52
C20 XZF E . -2.18 11.77 20.81
C21 XZF E . -2.98 11.76 18.20
C22 XZF E . -3.50 11.96 20.49
C24 XZF E . 4.12 8.92 17.85
C16 XZF E . -1.24 11.57 19.78
C18 XZF E . 1.46 10.07 17.32
C19 XZF E . 2.38 12.83 19.17
C23 XZF E . -3.88 11.95 19.19
C25 XZF E . 3.47 7.56 17.62
F05 XZF E . 2.96 7.57 16.37
F06 XZF E . 4.40 6.58 17.72
F07 XZF E . 2.50 7.33 18.54
N13 XZF E . -0.61 11.34 17.36
N14 XZF E . -3.96 12.41 23.32
O08 XZF E . 0.66 12.18 21.30
O09 XZF E . 0.61 9.92 20.31
O10 XZF E . -5.65 11.14 21.83
O11 XZF E . -5.57 13.33 21.50
S02 XZF E . 0.38 11.34 20.14
S03 XZF E . 3.21 10.16 16.88
S04 XZF E . -4.69 12.22 21.80
CL01 XZF E . -5.59 12.20 18.75
NA NA F . 4.25 17.96 24.91
#